data_7UWM
#
_entry.id   7UWM
#
_cell.length_a   1.00
_cell.length_b   1.00
_cell.length_c   1.00
_cell.angle_alpha   90.00
_cell.angle_beta   90.00
_cell.angle_gamma   90.00
#
_symmetry.space_group_name_H-M   'P 1'
#
loop_
_entity.id
_entity.type
_entity.pdbx_description
1 polymer Interleukin-17A
2 polymer 'Interleukin-17 receptor A'
3 branched 2-acetamido-2-deoxy-beta-D-glucopyranose-(1-4)-2-acetamido-2-deoxy-beta-D-glucopyranose
4 non-polymer 2-acetamido-2-deoxy-beta-D-glucopyranose
#
loop_
_entity_poly.entity_id
_entity_poly.type
_entity_poly.pdbx_seq_one_letter_code
_entity_poly.pdbx_strand_id
1 'polypeptide(L)'
;ITIPRNPGCPNSEDKNFPRTVMVNLNIHNRNTNTNPKRSSDYYNRSTSPWNLHRNEDPERYPSVIWEAKCRHLGCINADG
NVDYHMNSVPIQQEILVLRREPPHCPNSFRLEKILVSVGCTCVTPIVHHVAGAPGSALEVLFQGPGAAGLNDIFEAQKIE
WHEHHHHHH
;
A,B,D,E
2 'polypeptide(L)'
;LRLLDHRALVCSQPGLNCTVKNSTCLDDSWIHPRNLTPSSPKDLQIQLHFAHTQQGDLFPVAHIEWTLQTDASILYLEGA
ELSVLQLNTNERLCVRFEFLSKLRHHHRRWRFTFSHFVVDPDQEYEVTVHHLPKPIPDGDPNHQSKNFLVPDCEHARMKV
TTPCMSSGSLWDPNITVETLEAHQLRVSFTLWNESTHYQILLTSFPHMENHSCFEHMHHIPAPRPEEFHQRSNVTLTLRN
LKGCCRHQVQIQPFFSSCLNDCLRHSATVSCP
;
C,F
#
# COMPACT_ATOMS: atom_id res chain seq x y z
N PRO A 10 -30.30 25.63 -33.42
CA PRO A 10 -31.08 24.56 -34.06
C PRO A 10 -30.83 23.19 -33.44
N ASN A 11 -30.41 23.17 -32.18
CA ASN A 11 -30.13 21.94 -31.45
C ASN A 11 -31.23 21.73 -30.42
N SER A 12 -31.96 20.63 -30.55
CA SER A 12 -33.04 20.29 -29.61
C SER A 12 -33.03 18.84 -29.16
N GLU A 13 -32.29 17.95 -29.82
CA GLU A 13 -32.21 16.55 -29.44
C GLU A 13 -30.78 16.08 -29.65
N ASP A 14 -30.48 14.87 -29.18
CA ASP A 14 -29.18 14.24 -29.37
C ASP A 14 -29.18 13.51 -30.70
N LYS A 15 -28.62 14.14 -31.72
CA LYS A 15 -28.39 13.49 -33.00
C LYS A 15 -27.11 12.67 -32.91
N ASN A 16 -26.58 12.24 -34.05
CA ASN A 16 -25.34 11.48 -34.05
C ASN A 16 -24.13 12.40 -33.95
N PHE A 17 -24.14 13.29 -32.95
CA PHE A 17 -22.99 14.10 -32.59
C PHE A 17 -22.43 13.57 -31.27
N PRO A 18 -21.27 12.92 -31.27
CA PRO A 18 -20.85 12.14 -30.10
C PRO A 18 -20.53 12.96 -28.86
N ARG A 19 -20.28 14.26 -28.97
CA ARG A 19 -19.89 15.06 -27.81
C ARG A 19 -20.83 16.24 -27.56
N THR A 20 -21.96 16.30 -28.23
CA THR A 20 -23.00 17.28 -27.95
C THR A 20 -24.15 16.55 -27.27
N VAL A 21 -24.46 16.95 -26.04
CA VAL A 21 -25.36 16.19 -25.17
C VAL A 21 -26.47 17.10 -24.67
N MET A 22 -27.47 16.49 -24.06
CA MET A 22 -28.59 17.20 -23.45
C MET A 22 -28.38 17.21 -21.94
N VAL A 23 -28.22 18.40 -21.38
CA VAL A 23 -27.85 18.58 -19.98
C VAL A 23 -29.02 19.22 -19.24
N ASN A 24 -29.29 18.72 -18.05
CA ASN A 24 -30.33 19.28 -17.17
C ASN A 24 -29.71 20.44 -16.39
N LEU A 25 -30.15 21.66 -16.68
CA LEU A 25 -29.62 22.85 -16.03
C LEU A 25 -30.26 22.99 -14.66
N ASN A 26 -29.75 22.20 -13.71
CA ASN A 26 -30.21 22.25 -12.32
C ASN A 26 -29.23 23.10 -11.52
N ILE A 27 -29.38 24.42 -11.67
CA ILE A 27 -28.53 25.37 -10.96
C ILE A 27 -28.83 25.35 -9.47
N SER A 40 -18.50 38.14 1.88
CA SER A 40 -19.16 39.38 1.47
C SER A 40 -18.25 40.58 1.69
N ASP A 41 -17.83 40.78 2.94
CA ASP A 41 -16.95 41.85 3.32
C ASP A 41 -15.48 41.45 3.27
N TYR A 42 -15.18 40.24 2.79
CA TYR A 42 -13.81 39.74 2.83
C TYR A 42 -12.86 40.62 2.02
N TYR A 43 -13.32 41.10 0.87
CA TYR A 43 -12.49 41.95 0.03
C TYR A 43 -12.15 43.28 0.67
N ASN A 44 -12.93 43.72 1.67
CA ASN A 44 -12.72 45.02 2.29
C ASN A 44 -11.97 44.94 3.60
N ARG A 45 -12.12 43.85 4.35
CA ARG A 45 -11.43 43.68 5.63
C ARG A 45 -10.13 42.92 5.50
N SER A 46 -9.72 42.57 4.29
CA SER A 46 -8.52 41.77 4.09
C SER A 46 -7.26 42.62 4.19
N THR A 47 -6.17 41.98 4.61
CA THR A 47 -4.86 42.62 4.58
C THR A 47 -4.40 42.87 3.16
N SER A 48 -4.93 42.12 2.20
CA SER A 48 -4.61 42.28 0.78
C SER A 48 -5.91 42.49 0.03
N PRO A 49 -6.51 43.67 0.17
CA PRO A 49 -7.84 43.90 -0.39
C PRO A 49 -7.81 43.87 -1.92
N TRP A 50 -8.92 43.45 -2.49
CA TRP A 50 -9.06 43.37 -3.93
C TRP A 50 -10.37 43.99 -4.37
N ASN A 51 -10.32 44.77 -5.44
CA ASN A 51 -11.52 45.29 -6.08
C ASN A 51 -12.12 44.22 -6.97
N LEU A 52 -13.45 44.21 -7.03
CA LEU A 52 -14.21 43.29 -7.88
C LEU A 52 -14.60 44.04 -9.16
N HIS A 53 -14.00 43.66 -10.28
CA HIS A 53 -14.30 44.26 -11.56
C HIS A 53 -15.32 43.42 -12.31
N ARG A 54 -16.31 44.09 -12.88
CA ARG A 54 -17.40 43.43 -13.56
C ARG A 54 -16.95 42.94 -14.92
N ASN A 55 -17.27 41.69 -15.24
CA ASN A 55 -17.08 41.13 -16.57
C ASN A 55 -18.43 40.58 -17.02
N GLU A 56 -19.05 41.27 -17.96
CA GLU A 56 -20.41 40.97 -18.40
C GLU A 56 -20.39 40.48 -19.83
N ASP A 57 -21.11 39.38 -20.08
CA ASP A 57 -21.26 38.84 -21.42
C ASP A 57 -22.65 38.24 -21.55
N PRO A 58 -23.54 38.85 -22.34
CA PRO A 58 -24.88 38.28 -22.51
C PRO A 58 -24.89 36.91 -23.15
N GLU A 59 -23.82 36.53 -23.84
CA GLU A 59 -23.71 35.24 -24.51
C GLU A 59 -23.00 34.20 -23.66
N ARG A 60 -22.81 34.46 -22.37
CA ARG A 60 -22.09 33.56 -21.49
C ARG A 60 -22.92 33.23 -20.26
N TYR A 61 -22.69 32.03 -19.72
CA TYR A 61 -23.30 31.60 -18.47
C TYR A 61 -22.22 31.06 -17.56
N PRO A 62 -21.94 31.70 -16.41
CA PRO A 62 -22.60 32.88 -15.85
C PRO A 62 -22.30 34.17 -16.61
N SER A 63 -23.28 35.07 -16.69
CA SER A 63 -23.11 36.26 -17.51
C SER A 63 -22.15 37.25 -16.86
N VAL A 64 -22.29 37.48 -15.57
CA VAL A 64 -21.50 38.46 -14.84
C VAL A 64 -20.56 37.73 -13.89
N ILE A 65 -19.26 37.95 -14.07
CA ILE A 65 -18.25 37.41 -13.16
C ILE A 65 -17.46 38.57 -12.58
N TRP A 66 -17.23 38.52 -11.27
CA TRP A 66 -16.53 39.58 -10.55
C TRP A 66 -15.07 39.14 -10.38
N GLU A 67 -14.20 39.69 -11.20
CA GLU A 67 -12.79 39.33 -11.18
C GLU A 67 -12.05 40.17 -10.16
N ALA A 68 -11.19 39.51 -9.39
CA ALA A 68 -10.48 40.17 -8.30
C ALA A 68 -9.18 40.77 -8.82
N LYS A 69 -8.98 42.06 -8.55
CA LYS A 69 -7.73 42.74 -8.85
C LYS A 69 -7.23 43.38 -7.57
N CYS A 70 -6.00 43.06 -7.17
CA CYS A 70 -5.46 43.53 -5.90
C CYS A 70 -5.50 45.05 -5.84
N ARG A 71 -6.03 45.57 -4.73
CA ARG A 71 -6.12 47.02 -4.55
C ARG A 71 -4.77 47.66 -4.26
N HIS A 72 -3.76 46.88 -3.91
CA HIS A 72 -2.44 47.41 -3.57
C HIS A 72 -1.38 46.44 -4.07
N LEU A 73 -0.18 46.96 -4.31
CA LEU A 73 0.95 46.10 -4.63
C LEU A 73 1.34 45.28 -3.40
N GLY A 74 1.45 45.94 -2.24
CA GLY A 74 1.67 45.26 -0.99
C GLY A 74 0.37 45.02 -0.24
N CYS A 75 0.51 44.69 1.04
CA CYS A 75 -0.63 44.44 1.89
C CYS A 75 -0.87 45.62 2.82
N ILE A 76 -1.90 45.51 3.66
CA ILE A 76 -2.26 46.55 4.62
C ILE A 76 -1.96 46.03 6.02
N ASN A 77 -1.19 46.81 6.77
CA ASN A 77 -0.82 46.43 8.13
C ASN A 77 -1.90 46.89 9.10
N ALA A 78 -1.61 46.81 10.40
CA ALA A 78 -2.59 47.16 11.42
C ALA A 78 -2.96 48.64 11.35
N ASP A 79 -1.98 49.50 11.10
CA ASP A 79 -2.23 50.94 11.07
C ASP A 79 -3.06 51.39 9.87
N GLY A 80 -3.24 50.53 8.87
CA GLY A 80 -3.99 50.86 7.69
C GLY A 80 -3.16 51.30 6.52
N ASN A 81 -1.87 51.55 6.72
CA ASN A 81 -0.99 51.92 5.62
C ASN A 81 -0.49 50.67 4.91
N VAL A 82 0.07 50.89 3.73
CA VAL A 82 0.53 49.79 2.89
C VAL A 82 1.87 49.29 3.40
N ASP A 83 1.95 47.98 3.65
CA ASP A 83 3.18 47.33 4.07
C ASP A 83 3.94 46.87 2.83
N TYR A 84 5.16 47.38 2.65
CA TYR A 84 5.96 47.07 1.47
C TYR A 84 6.77 45.79 1.63
N HIS A 85 6.82 45.19 2.82
CA HIS A 85 7.56 43.97 3.03
C HIS A 85 6.78 42.72 2.62
N MET A 86 5.51 42.86 2.26
CA MET A 86 4.67 41.74 1.87
C MET A 86 4.26 41.89 0.42
N ASN A 87 3.74 40.81 -0.16
CA ASN A 87 3.27 40.83 -1.53
C ASN A 87 1.80 40.47 -1.58
N SER A 88 1.00 41.32 -2.22
CA SER A 88 -0.41 41.05 -2.45
C SER A 88 -0.54 40.37 -3.81
N VAL A 89 -0.74 39.06 -3.81
CA VAL A 89 -0.69 38.29 -5.04
C VAL A 89 -2.05 37.66 -5.34
N PRO A 90 -2.43 37.53 -6.60
CA PRO A 90 -3.74 36.98 -6.93
C PRO A 90 -3.77 35.46 -6.90
N ILE A 91 -4.92 34.94 -6.46
CA ILE A 91 -5.25 33.52 -6.52
C ILE A 91 -6.27 33.36 -7.63
N GLN A 92 -5.93 32.56 -8.63
CA GLN A 92 -6.73 32.36 -9.83
C GLN A 92 -7.11 30.90 -9.97
N GLN A 93 -8.11 30.66 -10.81
CA GLN A 93 -8.64 29.32 -11.04
C GLN A 93 -9.04 29.19 -12.49
N GLU A 94 -9.05 27.95 -12.98
CA GLU A 94 -9.61 27.63 -14.29
C GLU A 94 -10.99 27.03 -14.08
N ILE A 95 -12.02 27.72 -14.58
CA ILE A 95 -13.40 27.37 -14.32
C ILE A 95 -14.10 27.07 -15.63
N LEU A 96 -15.25 26.40 -15.52
CA LEU A 96 -16.06 26.03 -16.67
C LEU A 96 -17.22 27.01 -16.84
N VAL A 97 -17.35 27.57 -18.03
CA VAL A 97 -18.45 28.46 -18.36
C VAL A 97 -19.08 27.99 -19.66
N LEU A 98 -20.32 28.42 -19.88
CA LEU A 98 -21.07 28.09 -21.09
C LEU A 98 -21.13 29.31 -22.01
N ARG A 99 -20.75 29.12 -23.27
CA ARG A 99 -20.86 30.15 -24.28
C ARG A 99 -21.80 29.67 -25.38
N ARG A 100 -22.69 30.55 -25.81
CA ARG A 100 -23.70 30.18 -26.81
C ARG A 100 -23.04 29.81 -28.14
N GLU A 101 -23.48 28.69 -28.70
CA GLU A 101 -22.98 28.23 -29.99
C GLU A 101 -24.06 27.40 -30.67
N PRO A 102 -24.62 27.88 -31.80
CA PRO A 102 -24.36 29.15 -32.47
C PRO A 102 -24.94 30.33 -31.69
N PRO A 103 -24.47 31.55 -31.95
CA PRO A 103 -24.92 32.70 -31.15
C PRO A 103 -26.42 32.95 -31.29
N HIS A 104 -26.97 33.56 -30.25
CA HIS A 104 -28.39 33.91 -30.12
C HIS A 104 -29.28 32.68 -29.99
N CYS A 105 -28.72 31.52 -29.67
CA CYS A 105 -29.52 30.33 -29.43
C CYS A 105 -29.81 30.24 -27.94
N PRO A 106 -31.07 30.40 -27.51
CA PRO A 106 -31.35 30.40 -26.07
C PRO A 106 -30.97 29.11 -25.36
N ASN A 107 -31.00 27.96 -26.04
CA ASN A 107 -30.78 26.67 -25.38
C ASN A 107 -29.63 25.88 -26.00
N SER A 108 -28.69 26.55 -26.66
CA SER A 108 -27.49 25.92 -27.17
C SER A 108 -26.27 26.55 -26.52
N PHE A 109 -25.41 25.71 -25.93
CA PHE A 109 -24.22 26.20 -25.25
C PHE A 109 -23.04 25.33 -25.64
N ARG A 110 -21.85 25.88 -25.38
CA ARG A 110 -20.59 25.16 -25.61
C ARG A 110 -19.72 25.32 -24.38
N LEU A 111 -19.11 24.21 -23.94
CA LEU A 111 -18.24 24.24 -22.78
C LEU A 111 -16.99 25.07 -23.07
N GLU A 112 -16.54 25.81 -22.06
CA GLU A 112 -15.35 26.64 -22.19
C GLU A 112 -14.55 26.61 -20.90
N LYS A 113 -13.25 26.82 -21.02
CA LYS A 113 -12.33 26.92 -19.89
C LYS A 113 -11.70 28.29 -19.91
N ILE A 114 -11.88 29.05 -18.83
CA ILE A 114 -11.30 30.37 -18.70
C ILE A 114 -10.60 30.47 -17.35
N LEU A 115 -9.61 31.35 -17.27
CA LEU A 115 -8.86 31.60 -16.04
C LEU A 115 -9.34 32.90 -15.44
N VAL A 116 -9.88 32.84 -14.23
CA VAL A 116 -10.43 34.01 -13.56
C VAL A 116 -9.65 34.23 -12.27
N SER A 117 -9.42 35.51 -11.96
CA SER A 117 -8.79 35.90 -10.70
C SER A 117 -9.85 35.89 -9.62
N VAL A 118 -9.71 34.99 -8.65
CA VAL A 118 -10.74 34.79 -7.65
C VAL A 118 -10.46 35.60 -6.39
N GLY A 119 -9.21 35.63 -5.92
CA GLY A 119 -8.92 36.31 -4.69
C GLY A 119 -7.56 36.98 -4.71
N CYS A 120 -7.25 37.65 -3.60
CA CYS A 120 -5.93 38.21 -3.36
C CYS A 120 -5.45 37.77 -1.99
N THR A 121 -4.24 37.27 -1.90
CA THR A 121 -3.66 36.81 -0.64
C THR A 121 -2.36 37.54 -0.38
N CYS A 122 -1.90 37.46 0.87
CA CYS A 122 -0.71 38.15 1.34
C CYS A 122 0.39 37.13 1.59
N VAL A 123 1.49 37.25 0.88
CA VAL A 123 2.58 36.29 0.93
C VAL A 123 3.87 36.97 1.37
N THR A 124 4.69 36.21 2.05
CA THR A 124 6.04 36.63 2.40
C THR A 124 6.94 36.48 1.17
N PRO A 125 7.65 37.52 0.75
CA PRO A 125 8.53 37.39 -0.40
C PRO A 125 9.70 36.47 -0.11
N ILE A 126 10.19 35.83 -1.17
CA ILE A 126 11.39 35.01 -1.07
C ILE A 126 12.60 35.94 -1.17
N VAL A 127 13.41 35.95 -0.11
CA VAL A 127 14.50 36.91 0.04
C VAL A 127 15.83 36.18 -0.05
N HIS A 128 16.76 36.75 -0.80
CA HIS A 128 18.11 36.20 -0.97
C HIS A 128 19.10 37.14 -0.30
N HIS A 129 19.61 36.74 0.84
CA HIS A 129 20.59 37.54 1.58
C HIS A 129 21.99 37.26 1.08
N VAL A 130 22.83 38.29 1.13
CA VAL A 130 24.22 38.16 0.72
C VAL A 130 25.14 38.29 1.93
N PRO B 18 -32.69 27.14 -19.36
CA PRO B 18 -33.98 26.68 -18.84
C PRO B 18 -33.92 25.30 -18.22
N ARG B 19 -35.01 24.54 -18.31
CA ARG B 19 -35.04 23.22 -17.69
C ARG B 19 -34.02 22.28 -18.31
N THR B 20 -33.93 22.27 -19.64
CA THR B 20 -32.95 21.46 -20.35
C THR B 20 -32.38 22.27 -21.51
N VAL B 21 -31.07 22.15 -21.72
CA VAL B 21 -30.35 22.88 -22.75
C VAL B 21 -29.41 21.92 -23.47
N MET B 22 -28.70 22.44 -24.46
CA MET B 22 -27.74 21.67 -25.24
C MET B 22 -26.34 22.19 -24.96
N VAL B 23 -25.41 21.28 -24.69
CA VAL B 23 -24.03 21.62 -24.35
C VAL B 23 -23.10 20.83 -25.26
N ASN B 24 -22.18 21.54 -25.92
CA ASN B 24 -21.13 20.93 -26.72
C ASN B 24 -19.90 20.77 -25.85
N LEU B 25 -19.44 19.53 -25.66
CA LEU B 25 -18.40 19.22 -24.69
C LEU B 25 -17.01 19.24 -25.30
N ASN B 26 -16.86 19.65 -26.56
CA ASN B 26 -15.52 19.89 -27.09
C ASN B 26 -14.98 21.17 -26.46
N ILE B 27 -14.29 21.02 -25.33
CA ILE B 27 -14.00 22.16 -24.46
C ILE B 27 -13.10 23.14 -25.19
N HIS B 28 -13.58 24.37 -25.34
CA HIS B 28 -12.80 25.45 -25.93
C HIS B 28 -11.95 26.09 -24.84
N ASN B 29 -10.64 26.02 -25.01
CA ASN B 29 -9.70 26.53 -24.01
C ASN B 29 -9.45 28.00 -24.30
N ARG B 30 -10.07 28.86 -23.51
CA ARG B 30 -9.80 30.29 -23.55
C ARG B 30 -8.63 30.70 -22.66
N ASN B 31 -8.03 29.73 -21.96
CA ASN B 31 -6.84 29.97 -21.15
C ASN B 31 -5.58 29.72 -21.98
N THR B 32 -5.51 30.42 -23.12
CA THR B 32 -4.47 30.21 -24.10
C THR B 32 -3.21 31.02 -23.82
N ASN B 33 -3.21 31.88 -22.81
CA ASN B 33 -2.03 32.65 -22.44
C ASN B 33 -1.10 31.85 -21.53
N THR B 34 -0.75 30.64 -21.96
CA THR B 34 0.11 29.77 -21.19
C THR B 34 1.59 29.99 -21.46
N ASN B 35 1.94 30.67 -22.55
CA ASN B 35 3.34 30.99 -22.79
C ASN B 35 3.95 31.87 -21.70
N PRO B 36 3.29 32.93 -21.22
CA PRO B 36 3.83 33.64 -20.04
C PRO B 36 3.69 32.77 -18.80
N LYS B 37 4.82 32.43 -18.19
CA LYS B 37 4.86 31.60 -17.00
C LYS B 37 4.78 32.51 -15.78
N ARG B 38 3.60 32.58 -15.16
CA ARG B 38 3.31 33.54 -14.10
C ARG B 38 2.46 32.83 -13.04
N SER B 39 3.12 32.24 -12.05
CA SER B 39 2.43 31.52 -10.98
C SER B 39 3.46 31.12 -9.93
N SER B 40 2.95 30.74 -8.76
CA SER B 40 3.77 30.19 -7.69
C SER B 40 2.83 29.54 -6.68
N ASP B 41 3.42 28.84 -5.71
CA ASP B 41 2.65 28.15 -4.68
C ASP B 41 2.59 29.03 -3.42
N TYR B 42 1.43 29.61 -3.16
CA TYR B 42 1.23 30.51 -2.04
C TYR B 42 0.68 29.83 -0.79
N TYR B 43 0.45 28.52 -0.83
CA TYR B 43 -0.13 27.82 0.30
C TYR B 43 0.82 27.67 1.47
N ASN B 44 2.10 27.98 1.29
CA ASN B 44 3.06 27.99 2.39
C ASN B 44 3.54 29.38 2.77
N ARG B 45 3.70 30.27 1.81
CA ARG B 45 4.24 31.60 2.07
C ARG B 45 3.20 32.60 2.52
N SER B 46 1.93 32.22 2.55
CA SER B 46 0.87 33.14 2.91
C SER B 46 0.82 33.36 4.42
N THR B 47 0.38 34.57 4.81
CA THR B 47 0.11 34.81 6.22
C THR B 47 -1.09 34.02 6.72
N SER B 48 -1.89 33.47 5.81
CA SER B 48 -2.99 32.57 6.15
C SER B 48 -2.83 31.31 5.30
N PRO B 49 -1.85 30.47 5.61
CA PRO B 49 -1.57 29.32 4.77
C PRO B 49 -2.69 28.29 4.83
N TRP B 50 -2.79 27.50 3.76
CA TRP B 50 -3.81 26.47 3.67
C TRP B 50 -3.22 25.16 3.17
N ASN B 51 -3.84 24.08 3.57
CA ASN B 51 -3.52 22.75 3.05
C ASN B 51 -4.39 22.45 1.83
N LEU B 52 -3.77 21.83 0.83
CA LEU B 52 -4.47 21.41 -0.37
C LEU B 52 -5.09 20.04 -0.14
N HIS B 53 -6.39 19.93 -0.38
CA HIS B 53 -7.10 18.68 -0.21
C HIS B 53 -7.68 18.25 -1.56
N ARG B 54 -7.55 16.96 -1.86
CA ARG B 54 -8.08 16.41 -3.11
C ARG B 54 -9.54 16.03 -2.95
N ASN B 55 -10.33 16.34 -3.97
CA ASN B 55 -11.76 16.05 -4.01
C ASN B 55 -11.98 15.28 -5.31
N GLU B 56 -12.12 13.96 -5.21
CA GLU B 56 -12.23 13.09 -6.38
C GLU B 56 -13.66 12.61 -6.52
N ASP B 57 -14.20 12.73 -7.74
CA ASP B 57 -15.55 12.26 -8.06
C ASP B 57 -15.53 11.72 -9.48
N PRO B 58 -15.41 10.39 -9.65
CA PRO B 58 -15.46 9.82 -11.01
C PRO B 58 -16.76 10.09 -11.74
N GLU B 59 -17.84 10.36 -11.03
CA GLU B 59 -19.13 10.65 -11.63
C GLU B 59 -19.32 12.14 -11.93
N ARG B 60 -18.25 12.93 -11.85
CA ARG B 60 -18.30 14.37 -12.05
C ARG B 60 -17.19 14.80 -12.98
N TYR B 61 -17.46 15.82 -13.79
CA TYR B 61 -16.40 16.54 -14.47
C TYR B 61 -16.32 17.95 -13.93
N PRO B 62 -15.15 18.41 -13.48
CA PRO B 62 -13.87 17.69 -13.42
C PRO B 62 -13.88 16.61 -12.34
N SER B 63 -13.17 15.51 -12.56
CA SER B 63 -13.21 14.40 -11.60
C SER B 63 -12.40 14.71 -10.35
N VAL B 64 -11.37 15.52 -10.46
CA VAL B 64 -10.51 15.86 -9.33
C VAL B 64 -10.44 17.37 -9.22
N ILE B 65 -10.73 17.89 -8.03
CA ILE B 65 -10.62 19.31 -7.72
C ILE B 65 -9.80 19.46 -6.46
N TRP B 66 -8.80 20.33 -6.49
CA TRP B 66 -7.93 20.55 -5.35
C TRP B 66 -8.38 21.81 -4.61
N GLU B 67 -9.00 21.61 -3.45
CA GLU B 67 -9.54 22.69 -2.65
C GLU B 67 -8.58 23.05 -1.52
N ALA B 68 -8.97 24.06 -0.74
CA ALA B 68 -8.13 24.63 0.31
C ALA B 68 -8.82 24.53 1.66
N LYS B 69 -8.05 24.15 2.69
CA LYS B 69 -8.47 24.26 4.08
C LYS B 69 -7.50 25.15 4.83
N CYS B 70 -8.02 26.22 5.44
CA CYS B 70 -7.19 27.12 6.23
C CYS B 70 -6.51 26.35 7.36
N ARG B 71 -5.20 26.59 7.51
CA ARG B 71 -4.43 25.88 8.52
C ARG B 71 -4.77 26.29 9.94
N HIS B 72 -5.06 27.56 10.18
CA HIS B 72 -5.32 28.05 11.52
C HIS B 72 -6.60 28.88 11.52
N LEU B 73 -7.03 29.27 12.72
CA LEU B 73 -8.09 30.26 12.87
C LEU B 73 -7.58 31.68 12.82
N GLY B 74 -6.30 31.89 13.13
CA GLY B 74 -5.68 33.19 13.07
C GLY B 74 -4.77 33.33 11.87
N CYS B 75 -3.78 34.21 12.00
CA CYS B 75 -2.82 34.47 10.93
C CYS B 75 -1.43 34.56 11.51
N ILE B 76 -0.44 34.25 10.66
CA ILE B 76 0.96 34.33 11.04
C ILE B 76 1.42 35.77 10.88
N ASN B 77 1.87 36.37 11.97
CA ASN B 77 2.34 37.75 11.95
C ASN B 77 3.82 37.79 11.60
N ALA B 78 4.45 38.95 11.76
CA ALA B 78 5.84 39.12 11.38
C ALA B 78 6.79 38.26 12.20
N ASP B 79 6.36 37.78 13.36
CA ASP B 79 7.22 37.00 14.24
C ASP B 79 7.15 35.51 13.97
N GLY B 80 6.39 35.09 12.96
CA GLY B 80 6.23 33.67 12.71
C GLY B 80 5.29 32.97 13.65
N ASN B 81 4.55 33.71 14.46
CA ASN B 81 3.61 33.16 15.41
C ASN B 81 2.19 33.53 15.02
N VAL B 82 1.22 32.79 15.53
CA VAL B 82 -0.16 32.94 15.13
C VAL B 82 -0.84 34.01 15.96
N ASP B 83 -1.14 35.14 15.34
CA ASP B 83 -1.99 36.15 15.97
C ASP B 83 -3.44 35.70 15.92
N TYR B 84 -4.18 36.01 16.99
CA TYR B 84 -5.57 35.60 17.11
C TYR B 84 -6.50 36.79 17.18
N HIS B 85 -6.06 37.93 16.65
CA HIS B 85 -6.93 39.08 16.45
C HIS B 85 -7.34 39.24 14.99
N MET B 86 -6.92 38.34 14.11
CA MET B 86 -7.26 38.39 12.70
C MET B 86 -7.58 36.98 12.23
N ASN B 87 -8.59 36.85 11.38
CA ASN B 87 -9.17 35.54 11.07
C ASN B 87 -8.72 35.06 9.69
N SER B 88 -8.41 33.76 9.61
CA SER B 88 -8.16 33.11 8.33
C SER B 88 -9.48 32.61 7.78
N VAL B 89 -9.92 33.19 6.66
CA VAL B 89 -11.18 32.81 6.06
C VAL B 89 -10.92 32.26 4.66
N PRO B 90 -11.70 31.29 4.18
CA PRO B 90 -11.46 30.76 2.84
C PRO B 90 -12.13 31.60 1.77
N ILE B 91 -11.43 31.73 0.64
CA ILE B 91 -12.00 32.34 -0.55
C ILE B 91 -12.77 31.26 -1.30
N GLN B 92 -14.08 31.41 -1.35
CA GLN B 92 -14.97 30.41 -1.94
C GLN B 92 -15.50 30.93 -3.28
N GLN B 93 -15.50 30.05 -4.27
CA GLN B 93 -16.00 30.38 -5.59
C GLN B 93 -16.99 29.32 -6.03
N GLU B 94 -18.14 29.76 -6.55
CA GLU B 94 -19.17 28.86 -7.05
C GLU B 94 -18.80 28.43 -8.46
N ILE B 95 -18.42 27.16 -8.61
CA ILE B 95 -17.93 26.66 -9.89
C ILE B 95 -18.99 25.76 -10.51
N LEU B 96 -19.01 25.74 -11.84
CA LEU B 96 -19.89 24.86 -12.59
C LEU B 96 -19.21 23.54 -12.86
N VAL B 97 -19.88 22.45 -12.51
CA VAL B 97 -19.36 21.11 -12.74
C VAL B 97 -20.40 20.31 -13.50
N LEU B 98 -19.93 19.27 -14.19
CA LEU B 98 -20.80 18.39 -14.96
C LEU B 98 -20.82 17.02 -14.29
N ARG B 99 -22.03 16.51 -14.04
CA ARG B 99 -22.21 15.27 -13.30
C ARG B 99 -23.02 14.27 -14.12
N ARG B 100 -22.60 13.01 -14.07
CA ARG B 100 -23.26 11.93 -14.80
C ARG B 100 -24.40 11.38 -13.96
N GLU B 101 -25.63 11.58 -14.43
CA GLU B 101 -26.81 11.12 -13.72
C GLU B 101 -26.95 9.60 -13.80
N PRO B 102 -27.61 9.00 -12.82
CA PRO B 102 -27.85 7.55 -12.84
C PRO B 102 -28.75 7.17 -14.01
N PRO B 103 -28.65 5.92 -14.49
CA PRO B 103 -29.36 5.54 -15.72
C PRO B 103 -30.87 5.43 -15.55
N HIS B 104 -31.40 5.81 -14.40
CA HIS B 104 -32.85 5.81 -14.15
C HIS B 104 -33.41 7.22 -14.15
N CYS B 105 -32.82 8.11 -14.94
CA CYS B 105 -33.25 9.50 -15.06
C CYS B 105 -33.47 9.83 -16.52
N PRO B 106 -34.39 10.75 -16.84
CA PRO B 106 -34.62 11.12 -18.23
C PRO B 106 -33.65 12.19 -18.72
N ASN B 107 -32.38 12.06 -18.35
CA ASN B 107 -31.30 12.93 -18.79
C ASN B 107 -29.99 12.31 -18.32
N SER B 108 -29.01 12.27 -19.21
CA SER B 108 -27.75 11.61 -18.90
C SER B 108 -26.78 12.50 -18.14
N PHE B 109 -27.01 13.81 -18.10
CA PHE B 109 -26.05 14.73 -17.50
C PHE B 109 -26.79 15.87 -16.83
N ARG B 110 -26.09 16.53 -15.91
CA ARG B 110 -26.65 17.62 -15.12
C ARG B 110 -25.54 18.57 -14.72
N LEU B 111 -25.68 19.83 -15.09
CA LEU B 111 -24.72 20.87 -14.75
C LEU B 111 -25.05 21.42 -13.37
N GLU B 112 -24.10 21.35 -12.45
CA GLU B 112 -24.33 21.70 -11.06
C GLU B 112 -23.36 22.79 -10.62
N LYS B 113 -23.80 23.60 -9.65
CA LYS B 113 -22.98 24.62 -9.03
C LYS B 113 -22.58 24.13 -7.63
N ILE B 114 -21.27 24.03 -7.39
CA ILE B 114 -20.75 23.64 -6.09
C ILE B 114 -19.87 24.77 -5.56
N LEU B 115 -19.68 24.76 -4.25
CA LEU B 115 -18.90 25.78 -3.56
C LEU B 115 -17.53 25.21 -3.22
N VAL B 116 -16.48 25.84 -3.73
CA VAL B 116 -15.12 25.33 -3.63
C VAL B 116 -14.24 26.38 -2.98
N SER B 117 -13.47 25.99 -1.97
CA SER B 117 -12.49 26.85 -1.34
C SER B 117 -11.19 26.77 -2.12
N VAL B 118 -10.77 27.88 -2.71
CA VAL B 118 -9.60 27.91 -3.58
C VAL B 118 -8.39 28.55 -2.93
N GLY B 119 -8.55 29.19 -1.79
CA GLY B 119 -7.44 29.80 -1.09
C GLY B 119 -7.89 30.31 0.25
N CYS B 120 -6.97 30.96 0.95
CA CYS B 120 -7.26 31.50 2.27
C CYS B 120 -6.72 32.91 2.35
N THR B 121 -7.42 33.77 3.10
CA THR B 121 -7.03 35.16 3.27
C THR B 121 -7.19 35.56 4.73
N CYS B 122 -6.55 36.66 5.10
CA CYS B 122 -6.59 37.19 6.46
C CYS B 122 -7.49 38.41 6.50
N VAL B 123 -8.47 38.40 7.42
CA VAL B 123 -9.46 39.47 7.53
C VAL B 123 -9.49 39.99 8.95
N THR B 124 -9.97 41.22 9.09
CA THR B 124 -10.11 41.93 10.36
C THR B 124 -11.51 41.75 10.91
N PRO B 125 -11.65 41.29 12.16
CA PRO B 125 -12.99 41.10 12.72
C PRO B 125 -13.69 42.42 12.96
N ILE B 126 -15.02 42.35 12.95
CA ILE B 126 -15.86 43.53 13.13
C ILE B 126 -15.91 43.94 14.60
N LEU C 1 0.00 25.65 -18.38
CA LEU C 1 0.47 24.39 -18.92
C LEU C 1 0.50 24.43 -20.44
N ARG C 2 1.54 23.83 -21.03
CA ARG C 2 1.71 23.87 -22.47
C ARG C 2 2.49 22.64 -22.92
N LEU C 3 2.34 22.30 -24.19
CA LEU C 3 3.19 21.30 -24.81
C LEU C 3 4.49 21.94 -25.27
N LEU C 4 5.53 21.12 -25.37
CA LEU C 4 6.86 21.63 -25.70
C LEU C 4 6.87 22.27 -27.09
N ASP C 5 6.42 21.53 -28.09
CA ASP C 5 6.42 22.02 -29.46
C ASP C 5 5.42 21.19 -30.25
N HIS C 6 4.88 21.78 -31.31
CA HIS C 6 3.80 21.17 -32.08
C HIS C 6 4.30 20.22 -33.16
N ARG C 7 5.50 19.66 -32.99
CA ARG C 7 6.00 18.68 -33.93
C ARG C 7 5.19 17.39 -33.86
N ALA C 8 5.47 16.47 -34.77
CA ALA C 8 4.80 15.18 -34.80
C ALA C 8 5.24 14.38 -33.58
N LEU C 9 4.33 14.21 -32.63
CA LEU C 9 4.61 13.41 -31.44
C LEU C 9 4.46 11.93 -31.77
N VAL C 10 5.56 11.20 -31.67
CA VAL C 10 5.61 9.80 -32.09
C VAL C 10 5.63 8.92 -30.86
N CYS C 11 4.69 7.98 -30.79
CA CYS C 11 4.66 6.98 -29.74
C CYS C 11 4.84 5.56 -30.25
N SER C 12 4.90 5.38 -31.57
CA SER C 12 5.00 4.04 -32.14
C SER C 12 6.30 3.37 -31.71
N GLN C 13 6.20 2.11 -31.32
CA GLN C 13 7.33 1.27 -30.98
C GLN C 13 7.19 -0.04 -31.72
N PRO C 14 8.30 -0.78 -31.90
CA PRO C 14 8.23 -2.07 -32.62
C PRO C 14 7.11 -2.98 -32.09
N GLY C 15 6.14 -3.26 -32.94
CA GLY C 15 5.02 -4.10 -32.59
C GLY C 15 3.74 -3.37 -32.26
N LEU C 16 3.77 -2.03 -32.18
CA LEU C 16 2.59 -1.26 -31.83
C LEU C 16 2.54 0.02 -32.65
N ASN C 17 1.43 0.23 -33.34
CA ASN C 17 1.15 1.49 -34.02
C ASN C 17 0.26 2.34 -33.12
N CYS C 18 0.67 3.58 -32.89
CA CYS C 18 -0.15 4.48 -32.10
C CYS C 18 0.10 5.91 -32.53
N THR C 19 -0.87 6.78 -32.25
CA THR C 19 -0.76 8.20 -32.52
C THR C 19 -1.00 8.98 -31.24
N VAL C 20 -0.24 10.05 -31.05
CA VAL C 20 -0.45 10.99 -29.95
C VAL C 20 -1.33 12.11 -30.47
N LYS C 21 -2.50 12.28 -29.86
CA LYS C 21 -3.51 13.19 -30.33
C LYS C 21 -3.85 14.21 -29.26
N ASN C 22 -4.35 15.36 -29.71
CA ASN C 22 -4.94 16.34 -28.82
C ASN C 22 -6.20 15.77 -28.20
N SER C 23 -6.44 16.16 -26.95
CA SER C 23 -7.60 15.64 -26.24
C SER C 23 -7.94 16.56 -25.08
N THR C 24 -9.16 17.09 -25.08
CA THR C 24 -9.69 17.70 -23.88
C THR C 24 -9.90 16.58 -22.86
N CYS C 25 -9.82 16.91 -21.58
CA CYS C 25 -9.77 15.90 -20.53
C CYS C 25 -11.14 15.32 -20.21
N LEU C 26 -12.11 15.52 -21.10
CA LEU C 26 -13.41 14.86 -21.03
C LEU C 26 -13.44 13.82 -22.15
N ASP C 27 -13.21 12.56 -21.79
CA ASP C 27 -13.07 11.53 -22.80
C ASP C 27 -14.43 11.06 -23.31
N ASP C 28 -14.42 10.39 -24.47
CA ASP C 28 -15.64 9.81 -25.01
C ASP C 28 -16.14 8.66 -24.16
N SER C 29 -15.22 7.93 -23.51
CA SER C 29 -15.63 6.83 -22.65
C SER C 29 -16.42 7.33 -21.44
N TRP C 30 -16.03 8.48 -20.88
CA TRP C 30 -16.77 9.02 -19.75
C TRP C 30 -18.19 9.39 -20.16
N ILE C 31 -18.35 10.00 -21.33
CA ILE C 31 -19.69 10.35 -21.81
C ILE C 31 -20.50 9.09 -22.12
N HIS C 32 -19.87 8.13 -22.81
CA HIS C 32 -20.53 6.88 -23.20
C HIS C 32 -19.70 5.71 -22.68
N PRO C 33 -20.00 5.18 -21.50
CA PRO C 33 -19.20 4.10 -20.94
C PRO C 33 -19.40 2.79 -21.68
N ARG C 34 -18.41 1.91 -21.54
CA ARG C 34 -18.42 0.59 -22.15
C ARG C 34 -18.01 -0.46 -21.13
N ASN C 35 -18.59 -1.65 -21.26
CA ASN C 35 -18.51 -2.65 -20.19
C ASN C 35 -17.08 -3.16 -20.01
N LEU C 36 -16.39 -3.49 -21.09
CA LEU C 36 -15.07 -4.10 -21.00
C LEU C 36 -14.01 -3.01 -20.87
N THR C 37 -13.35 -2.96 -19.70
CA THR C 37 -12.38 -1.92 -19.43
C THR C 37 -11.03 -2.54 -19.08
N PRO C 38 -9.93 -1.93 -19.50
CA PRO C 38 -8.61 -2.47 -19.20
C PRO C 38 -8.21 -2.19 -17.76
N SER C 39 -7.09 -2.78 -17.35
CA SER C 39 -6.57 -2.63 -16.01
C SER C 39 -5.84 -1.30 -15.86
N SER C 40 -5.59 -0.93 -14.60
CA SER C 40 -4.88 0.31 -14.31
C SER C 40 -3.42 0.19 -14.73
N PRO C 41 -2.76 1.32 -15.03
CA PRO C 41 -1.34 1.27 -15.36
C PRO C 41 -0.51 0.84 -14.16
N LYS C 42 0.64 0.25 -14.45
CA LYS C 42 1.55 -0.24 -13.44
C LYS C 42 2.88 0.52 -13.51
N ASP C 43 3.44 0.82 -12.35
CA ASP C 43 4.76 1.44 -12.24
C ASP C 43 4.81 2.79 -12.96
N LEU C 44 4.00 3.72 -12.48
CA LEU C 44 4.00 5.08 -13.01
C LEU C 44 5.12 5.87 -12.35
N GLN C 45 5.99 6.46 -13.18
CA GLN C 45 7.13 7.23 -12.69
C GLN C 45 7.22 8.54 -13.46
N ILE C 46 7.46 9.63 -12.74
CA ILE C 46 7.59 10.95 -13.33
C ILE C 46 8.94 11.52 -12.94
N GLN C 47 9.76 11.83 -13.93
CA GLN C 47 11.07 12.43 -13.74
C GLN C 47 11.09 13.83 -14.36
N LEU C 48 12.09 14.61 -13.99
CA LEU C 48 12.25 15.97 -14.48
C LEU C 48 13.39 15.98 -15.48
N HIS C 49 13.07 16.00 -16.77
CA HIS C 49 14.06 16.12 -17.82
C HIS C 49 14.12 17.55 -18.31
N PHE C 50 15.14 17.85 -19.10
CA PHE C 50 15.34 19.18 -19.65
C PHE C 50 15.54 19.06 -21.15
N ALA C 51 14.71 19.77 -21.91
CA ALA C 51 14.66 19.60 -23.36
C ALA C 51 14.87 20.93 -24.06
N HIS C 52 15.63 20.89 -25.14
CA HIS C 52 15.93 22.07 -25.93
C HIS C 52 14.82 22.32 -26.96
N THR C 53 15.01 23.33 -27.79
CA THR C 53 14.04 23.73 -28.78
C THR C 53 14.80 24.43 -29.91
N GLN C 54 14.19 24.50 -31.10
CA GLN C 54 14.90 24.98 -32.29
C GLN C 54 15.49 26.36 -32.09
N GLN C 55 14.87 27.21 -31.27
CA GLN C 55 15.42 28.52 -30.96
C GLN C 55 16.41 28.49 -29.81
N GLY C 56 16.90 27.31 -29.44
CA GLY C 56 17.87 27.20 -28.37
C GLY C 56 17.31 27.37 -26.97
N ASP C 57 16.00 27.23 -26.79
CA ASP C 57 15.37 27.43 -25.50
C ASP C 57 15.35 26.12 -24.72
N LEU C 58 15.90 26.14 -23.52
CA LEU C 58 15.91 24.98 -22.64
C LEU C 58 14.72 25.08 -21.68
N PHE C 59 13.92 24.02 -21.64
CA PHE C 59 12.68 24.00 -20.88
C PHE C 59 12.62 22.76 -20.01
N PRO C 60 11.88 22.82 -18.90
CA PRO C 60 11.71 21.64 -18.05
C PRO C 60 10.54 20.80 -18.50
N VAL C 61 10.74 19.50 -18.69
CA VAL C 61 9.67 18.61 -19.12
C VAL C 61 9.49 17.51 -18.08
N ALA C 62 8.26 17.00 -18.01
CA ALA C 62 7.91 15.91 -17.10
C ALA C 62 7.93 14.62 -17.91
N HIS C 63 9.00 13.85 -17.76
CA HIS C 63 9.11 12.56 -18.40
C HIS C 63 8.25 11.54 -17.64
N ILE C 64 7.37 10.85 -18.36
CA ILE C 64 6.42 9.94 -17.77
C ILE C 64 6.68 8.54 -18.32
N GLU C 65 6.84 7.58 -17.41
CA GLU C 65 7.09 6.18 -17.70
C GLU C 65 5.97 5.36 -17.08
N TRP C 66 5.42 4.41 -17.83
CA TRP C 66 4.48 3.49 -17.20
C TRP C 66 4.43 2.16 -17.95
N THR C 67 3.91 1.15 -17.26
CA THR C 67 3.95 -0.22 -17.73
C THR C 67 2.55 -0.82 -17.71
N LEU C 68 2.38 -1.89 -18.48
CA LEU C 68 1.10 -2.57 -18.60
C LEU C 68 1.04 -3.78 -17.68
N GLN C 69 -0.14 -4.02 -17.12
CA GLN C 69 -0.37 -5.25 -16.38
C GLN C 69 -0.49 -6.43 -17.34
N THR C 70 -0.17 -7.62 -16.83
CA THR C 70 -0.04 -8.82 -17.65
C THR C 70 -1.38 -9.52 -17.88
N ASP C 71 -2.45 -9.09 -17.22
CA ASP C 71 -3.73 -9.74 -17.36
C ASP C 71 -4.29 -9.53 -18.78
N ALA C 72 -5.34 -10.30 -19.09
CA ALA C 72 -5.85 -10.38 -20.45
C ALA C 72 -6.54 -9.09 -20.90
N SER C 73 -6.88 -8.18 -19.97
CA SER C 73 -7.59 -6.96 -20.33
C SER C 73 -6.81 -6.10 -21.33
N ILE C 74 -5.56 -6.45 -21.64
CA ILE C 74 -4.82 -5.75 -22.67
C ILE C 74 -5.51 -5.88 -24.02
N LEU C 75 -6.32 -6.91 -24.21
CA LEU C 75 -7.08 -7.03 -25.45
C LEU C 75 -8.10 -5.92 -25.61
N TYR C 76 -8.47 -5.26 -24.51
CA TYR C 76 -9.48 -4.20 -24.51
C TYR C 76 -8.88 -2.86 -24.13
N LEU C 77 -7.56 -2.76 -24.05
CA LEU C 77 -6.89 -1.50 -23.78
C LEU C 77 -6.82 -0.73 -25.09
N GLU C 78 -7.68 0.27 -25.25
CA GLU C 78 -7.72 1.07 -26.45
C GLU C 78 -6.76 2.25 -26.41
N GLY C 79 -6.16 2.54 -25.27
CA GLY C 79 -5.11 3.54 -25.24
C GLY C 79 -4.95 4.11 -23.86
N ALA C 80 -4.37 5.31 -23.80
CA ALA C 80 -4.18 5.99 -22.53
C ALA C 80 -4.50 7.47 -22.69
N GLU C 81 -4.73 8.13 -21.56
CA GLU C 81 -4.91 9.57 -21.50
C GLU C 81 -3.96 10.12 -20.45
N LEU C 82 -3.01 10.94 -20.88
CA LEU C 82 -2.02 11.52 -19.97
C LEU C 82 -2.44 12.94 -19.64
N SER C 83 -2.61 13.22 -18.35
CA SER C 83 -3.12 14.50 -17.89
C SER C 83 -2.18 15.09 -16.86
N VAL C 84 -2.00 16.41 -16.92
CA VAL C 84 -1.29 17.15 -15.89
C VAL C 84 -2.22 18.24 -15.38
N LEU C 85 -2.40 18.28 -14.06
CA LEU C 85 -3.26 19.24 -13.41
C LEU C 85 -2.45 20.06 -12.42
N GLN C 86 -2.52 21.39 -12.54
CA GLN C 86 -1.90 22.26 -11.55
C GLN C 86 -2.79 22.35 -10.32
N LEU C 87 -2.16 22.32 -9.14
CA LEU C 87 -2.92 22.21 -7.90
C LEU C 87 -3.45 23.56 -7.43
N ASN C 88 -2.60 24.59 -7.43
CA ASN C 88 -3.04 25.90 -6.97
C ASN C 88 -4.11 26.48 -7.88
N THR C 89 -3.92 26.36 -9.19
CA THR C 89 -4.93 26.73 -10.18
C THR C 89 -5.32 25.48 -10.93
N ASN C 90 -6.60 25.14 -10.91
CA ASN C 90 -7.04 23.85 -11.43
C ASN C 90 -6.98 23.82 -12.95
N GLU C 91 -5.77 23.89 -13.50
CA GLU C 91 -5.55 23.90 -14.94
C GLU C 91 -5.20 22.50 -15.42
N ARG C 92 -5.89 22.05 -16.45
CA ARG C 92 -5.72 20.70 -16.98
C ARG C 92 -5.13 20.76 -18.38
N LEU C 93 -4.10 19.95 -18.62
CA LEU C 93 -3.54 19.77 -19.94
C LEU C 93 -3.35 18.28 -20.18
N CYS C 94 -4.09 17.75 -21.15
CA CYS C 94 -4.14 16.31 -21.39
C CYS C 94 -3.98 15.98 -22.87
N VAL C 95 -3.32 14.85 -23.12
CA VAL C 95 -3.11 14.31 -24.47
C VAL C 95 -3.54 12.86 -24.47
N ARG C 96 -3.79 12.32 -25.66
CA ARG C 96 -4.37 10.98 -25.80
C ARG C 96 -3.44 10.09 -26.61
N PHE C 97 -3.00 8.99 -26.01
CA PHE C 97 -2.24 7.95 -26.68
C PHE C 97 -3.25 6.97 -27.27
N GLU C 98 -3.48 7.06 -28.58
CA GLU C 98 -4.46 6.21 -29.26
C GLU C 98 -3.74 5.07 -29.95
N PHE C 99 -4.04 3.84 -29.53
CA PHE C 99 -3.37 2.67 -30.07
C PHE C 99 -4.09 2.24 -31.36
N LEU C 100 -3.34 2.14 -32.45
CA LEU C 100 -3.89 1.75 -33.74
C LEU C 100 -3.83 0.25 -33.97
N SER C 101 -3.31 -0.52 -33.02
CA SER C 101 -3.25 -1.97 -33.12
C SER C 101 -3.60 -2.57 -31.77
N LYS C 102 -4.09 -3.81 -31.80
CA LYS C 102 -4.51 -4.50 -30.59
C LYS C 102 -3.32 -5.25 -30.01
N LEU C 103 -2.78 -4.75 -28.90
CA LEU C 103 -1.70 -5.43 -28.20
C LEU C 103 -2.22 -6.75 -27.65
N ARG C 104 -1.60 -7.85 -28.06
CA ARG C 104 -2.09 -9.17 -27.72
C ARG C 104 -1.08 -10.01 -26.94
N HIS C 105 0.20 -9.93 -27.29
CA HIS C 105 1.21 -10.71 -26.59
C HIS C 105 1.63 -10.05 -25.29
N HIS C 106 2.33 -10.80 -24.46
CA HIS C 106 2.90 -10.32 -23.22
C HIS C 106 4.31 -10.88 -23.05
N HIS C 107 5.10 -10.82 -24.13
CA HIS C 107 6.43 -11.42 -24.11
C HIS C 107 7.37 -10.67 -23.18
N ARG C 108 7.63 -9.41 -23.47
CA ARG C 108 8.39 -8.53 -22.60
C ARG C 108 7.57 -7.29 -22.30
N ARG C 109 7.78 -6.72 -21.12
CA ARG C 109 6.87 -5.70 -20.60
C ARG C 109 6.79 -4.51 -21.54
N TRP C 110 5.57 -4.08 -21.81
CA TRP C 110 5.33 -2.89 -22.63
C TRP C 110 5.58 -1.65 -21.77
N ARG C 111 6.52 -0.81 -22.20
CA ARG C 111 6.88 0.39 -21.46
C ARG C 111 6.59 1.60 -22.32
N PHE C 112 5.90 2.59 -21.74
CA PHE C 112 5.46 3.76 -22.46
C PHE C 112 6.06 5.01 -21.86
N THR C 113 6.48 5.92 -22.74
CA THR C 113 7.22 7.14 -22.39
C THR C 113 6.50 8.35 -22.97
N PHE C 114 6.61 9.48 -22.27
CA PHE C 114 6.14 10.76 -22.80
C PHE C 114 6.89 11.90 -22.14
N SER C 115 7.54 12.76 -22.94
CA SER C 115 8.40 13.81 -22.44
C SER C 115 8.11 15.14 -23.14
N HIS C 116 6.83 15.51 -23.22
CA HIS C 116 6.42 16.72 -23.93
C HIS C 116 5.57 17.65 -23.05
N PHE C 117 5.72 17.58 -21.74
CA PHE C 117 4.90 18.35 -20.81
C PHE C 117 5.80 19.37 -20.10
N VAL C 118 5.74 20.63 -20.54
CA VAL C 118 6.57 21.67 -19.95
C VAL C 118 6.03 22.02 -18.58
N VAL C 119 6.92 22.08 -17.60
CA VAL C 119 6.56 22.33 -16.21
C VAL C 119 7.19 23.64 -15.76
N ASP C 120 6.65 24.19 -14.68
CA ASP C 120 7.09 25.47 -14.14
C ASP C 120 7.96 25.28 -12.91
N PRO C 121 8.97 26.11 -12.72
CA PRO C 121 9.78 26.03 -11.51
C PRO C 121 8.95 26.28 -10.26
N ASP C 122 9.27 25.54 -9.20
CA ASP C 122 8.62 25.66 -7.89
C ASP C 122 7.10 25.49 -8.02
N GLN C 123 6.71 24.30 -8.44
CA GLN C 123 5.31 24.01 -8.68
C GLN C 123 5.01 22.57 -8.32
N GLU C 124 3.73 22.30 -8.09
CA GLU C 124 3.25 20.96 -7.77
C GLU C 124 2.14 20.59 -8.74
N TYR C 125 2.28 19.43 -9.38
CA TYR C 125 1.33 18.96 -10.37
C TYR C 125 0.81 17.59 -9.98
N GLU C 126 -0.33 17.23 -10.56
CA GLU C 126 -0.87 15.88 -10.49
C GLU C 126 -0.85 15.32 -11.90
N VAL C 127 0.00 14.33 -12.14
CA VAL C 127 0.14 13.69 -13.44
C VAL C 127 -0.52 12.33 -13.36
N THR C 128 -1.48 12.09 -14.24
CA THR C 128 -2.25 10.86 -14.22
C THR C 128 -2.28 10.22 -15.60
N VAL C 129 -2.24 8.90 -15.62
CA VAL C 129 -2.47 8.10 -16.81
C VAL C 129 -3.78 7.34 -16.60
N HIS C 130 -4.74 7.60 -17.45
CA HIS C 130 -6.05 6.96 -17.40
C HIS C 130 -6.15 6.01 -18.59
N HIS C 131 -6.21 4.72 -18.30
CA HIS C 131 -6.34 3.74 -19.38
C HIS C 131 -7.71 3.83 -20.02
N LEU C 132 -7.74 3.91 -21.35
CA LEU C 132 -8.96 4.04 -22.12
C LEU C 132 -9.29 2.71 -22.77
N PRO C 133 -10.56 2.26 -22.70
CA PRO C 133 -11.76 2.95 -22.20
C PRO C 133 -11.82 3.15 -20.70
N LYS C 134 -12.56 4.17 -20.26
CA LYS C 134 -12.72 4.48 -18.86
C LYS C 134 -13.70 3.51 -18.19
N PRO C 135 -13.61 3.34 -16.87
CA PRO C 135 -14.50 2.40 -16.18
C PRO C 135 -15.96 2.84 -16.24
N ILE C 136 -16.83 1.85 -16.12
CA ILE C 136 -18.28 2.05 -16.09
C ILE C 136 -18.61 2.75 -14.77
N PRO C 137 -19.78 3.38 -14.65
CA PRO C 137 -20.18 3.94 -13.35
C PRO C 137 -20.14 2.89 -12.26
N ASP C 138 -19.60 3.27 -11.11
CA ASP C 138 -19.41 2.38 -9.96
C ASP C 138 -18.51 1.20 -10.34
N GLY C 139 -17.28 1.52 -10.71
CA GLY C 139 -16.30 0.52 -11.10
C GLY C 139 -14.93 0.81 -10.48
N ASP C 140 -14.00 -0.08 -10.78
CA ASP C 140 -12.64 0.07 -10.29
C ASP C 140 -11.95 1.25 -10.97
N PRO C 141 -10.94 1.83 -10.31
CA PRO C 141 -10.36 3.09 -10.83
C PRO C 141 -9.78 2.98 -12.24
N ASN C 142 -8.91 2.01 -12.50
CA ASN C 142 -8.34 1.77 -13.83
C ASN C 142 -7.46 2.95 -14.27
N HIS C 143 -6.96 3.74 -13.31
CA HIS C 143 -6.08 4.84 -13.62
C HIS C 143 -5.03 4.98 -12.52
N GLN C 144 -3.92 5.63 -12.85
CA GLN C 144 -2.82 5.82 -11.92
C GLN C 144 -2.38 7.27 -11.93
N SER C 145 -2.42 7.92 -10.77
CA SER C 145 -2.04 9.31 -10.62
C SER C 145 -0.91 9.44 -9.61
N LYS C 146 -0.03 10.40 -9.84
CA LYS C 146 1.09 10.66 -8.96
C LYS C 146 1.36 12.16 -8.92
N ASN C 147 1.82 12.63 -7.77
CA ASN C 147 2.16 14.04 -7.59
C ASN C 147 3.60 14.30 -8.00
N PHE C 148 3.83 15.46 -8.60
CA PHE C 148 5.12 15.85 -9.14
C PHE C 148 5.51 17.20 -8.55
N LEU C 149 6.74 17.30 -8.08
CA LEU C 149 7.25 18.53 -7.46
C LEU C 149 8.41 19.05 -8.30
N VAL C 150 8.18 20.15 -9.02
CA VAL C 150 9.22 20.79 -9.82
C VAL C 150 9.90 21.82 -8.92
N PRO C 151 11.20 21.71 -8.68
CA PRO C 151 11.89 22.60 -7.73
C PRO C 151 12.01 24.01 -8.27
N ASP C 152 12.52 24.89 -7.40
CA ASP C 152 12.64 26.31 -7.70
C ASP C 152 13.90 26.58 -8.52
N CYS C 153 14.14 27.86 -8.80
CA CYS C 153 15.24 28.27 -9.66
C CYS C 153 16.61 28.00 -9.05
N GLU C 154 16.68 27.66 -7.75
CA GLU C 154 17.97 27.42 -7.11
C GLU C 154 18.62 26.12 -7.56
N HIS C 155 17.83 25.16 -8.06
CA HIS C 155 18.38 23.92 -8.58
C HIS C 155 19.26 24.22 -9.79
N ALA C 156 20.37 23.50 -9.90
CA ALA C 156 21.42 23.87 -10.84
C ALA C 156 20.94 23.81 -12.28
N ARG C 157 20.35 22.68 -12.69
CA ARG C 157 19.82 22.59 -14.05
C ARG C 157 18.55 23.42 -14.20
N MET C 158 17.82 23.62 -13.11
CA MET C 158 16.66 24.50 -13.13
C MET C 158 17.05 25.93 -13.43
N LYS C 159 18.18 26.38 -12.87
CA LYS C 159 18.58 27.78 -12.97
C LYS C 159 18.83 28.20 -14.42
N VAL C 160 19.33 27.29 -15.24
CA VAL C 160 19.75 27.63 -16.60
C VAL C 160 18.60 27.41 -17.57
N THR C 161 17.40 27.19 -17.06
CA THR C 161 16.24 27.06 -17.92
C THR C 161 15.78 28.45 -18.38
N THR C 162 15.06 28.45 -19.51
CA THR C 162 14.52 29.71 -20.02
C THR C 162 13.55 30.38 -19.06
N PRO C 163 12.58 29.69 -18.45
CA PRO C 163 11.71 30.37 -17.48
C PRO C 163 12.48 30.95 -16.30
N CYS C 164 13.53 30.27 -15.84
CA CYS C 164 14.28 30.77 -14.69
C CYS C 164 15.15 31.96 -15.08
N MET C 165 15.80 31.90 -16.24
CA MET C 165 16.55 33.06 -16.70
C MET C 165 15.64 34.25 -16.97
N SER C 166 14.38 34.00 -17.32
CA SER C 166 13.45 35.10 -17.57
C SER C 166 13.22 35.91 -16.31
N SER C 167 13.13 35.25 -15.16
CA SER C 167 12.94 35.92 -13.88
C SER C 167 14.25 36.33 -13.23
N GLY C 168 15.32 36.47 -14.01
CA GLY C 168 16.60 36.91 -13.49
C GLY C 168 17.25 35.97 -12.51
N SER C 169 17.29 34.68 -12.84
CA SER C 169 18.01 33.73 -11.99
C SER C 169 19.51 33.96 -12.05
N LEU C 170 20.03 34.34 -13.21
CA LEU C 170 21.45 34.63 -13.39
C LEU C 170 21.80 36.08 -13.10
N TRP C 171 20.99 36.76 -12.30
CA TRP C 171 21.19 38.18 -11.98
C TRP C 171 21.79 38.30 -10.59
N ASP C 172 22.99 38.87 -10.51
CA ASP C 172 23.64 39.15 -9.24
C ASP C 172 23.74 40.66 -9.05
N PRO C 173 22.87 41.26 -8.24
CA PRO C 173 22.93 42.73 -8.07
C PRO C 173 24.25 43.22 -7.50
N ASN C 174 24.89 42.43 -6.64
CA ASN C 174 26.10 42.84 -5.93
C ASN C 174 25.87 44.14 -5.18
N ILE C 175 24.94 44.07 -4.23
CA ILE C 175 24.53 45.26 -3.48
C ILE C 175 25.66 45.67 -2.54
N THR C 176 26.09 46.91 -2.66
CA THR C 176 27.08 47.48 -1.74
C THR C 176 26.47 48.69 -1.07
N VAL C 177 26.42 48.67 0.27
CA VAL C 177 25.91 49.77 1.06
C VAL C 177 27.09 50.42 1.77
N GLU C 178 27.35 51.68 1.45
CA GLU C 178 28.41 52.44 2.11
C GLU C 178 27.78 53.55 2.93
N THR C 179 28.09 53.59 4.21
CA THR C 179 27.54 54.60 5.11
C THR C 179 28.35 55.88 5.02
N LEU C 180 27.65 57.00 5.01
CA LEU C 180 28.25 58.32 4.85
C LEU C 180 28.16 59.07 6.18
N GLU C 181 28.58 60.34 6.15
CA GLU C 181 28.60 61.17 7.35
C GLU C 181 27.19 61.39 7.91
N LEU C 185 23.32 56.99 3.43
CA LEU C 185 23.64 55.66 2.93
C LEU C 185 23.60 55.62 1.41
N ARG C 186 24.71 55.19 0.80
CA ARG C 186 24.78 55.02 -0.65
C ARG C 186 24.67 53.53 -0.97
N VAL C 187 23.64 53.18 -1.74
CA VAL C 187 23.41 51.80 -2.15
C VAL C 187 23.73 51.71 -3.64
N SER C 188 24.67 50.85 -3.99
CA SER C 188 25.07 50.62 -5.37
C SER C 188 24.71 49.20 -5.76
N PHE C 189 24.04 49.06 -6.90
CA PHE C 189 23.62 47.75 -7.38
C PHE C 189 23.69 47.71 -8.90
N THR C 190 23.92 46.51 -9.43
CA THR C 190 23.96 46.29 -10.87
C THR C 190 22.58 45.99 -11.40
N LEU C 191 22.27 46.50 -12.58
CA LEU C 191 20.96 46.33 -13.18
C LEU C 191 20.97 45.18 -14.18
N TRP C 192 19.81 44.55 -14.33
CA TRP C 192 19.62 43.49 -15.32
C TRP C 192 19.33 44.14 -16.67
N ASN C 193 19.00 43.33 -17.67
CA ASN C 193 18.74 43.83 -19.01
C ASN C 193 17.25 43.81 -19.35
N GLU C 194 16.43 44.19 -18.37
CA GLU C 194 15.00 44.37 -18.56
C GLU C 194 14.61 45.77 -18.12
N SER C 195 13.73 46.41 -18.89
CA SER C 195 13.32 47.78 -18.63
C SER C 195 12.11 47.81 -17.69
N THR C 196 12.39 47.50 -16.42
CA THR C 196 11.39 47.51 -15.37
C THR C 196 11.94 48.26 -14.16
N HIS C 197 11.03 48.85 -13.39
CA HIS C 197 11.43 49.67 -12.25
C HIS C 197 11.88 48.80 -11.09
N TYR C 198 12.70 49.39 -10.23
CA TYR C 198 13.26 48.72 -9.07
C TYR C 198 12.87 49.45 -7.80
N GLN C 199 12.83 48.72 -6.69
CA GLN C 199 12.33 49.24 -5.44
C GLN C 199 13.40 49.09 -4.37
N ILE C 200 13.74 50.17 -3.69
CA ILE C 200 14.70 50.16 -2.59
C ILE C 200 13.93 50.38 -1.31
N LEU C 201 14.06 49.47 -0.36
CA LEU C 201 13.35 49.55 0.92
C LEU C 201 14.41 49.63 2.02
N LEU C 202 14.48 50.77 2.69
CA LEU C 202 15.49 51.02 3.71
C LEU C 202 14.78 51.03 5.06
N THR C 203 15.05 50.01 5.87
CA THR C 203 14.40 49.84 7.16
C THR C 203 15.43 49.86 8.27
N SER C 204 15.21 50.72 9.26
CA SER C 204 16.12 50.89 10.39
C SER C 204 15.48 50.25 11.62
N PHE C 205 16.11 49.19 12.11
CA PHE C 205 15.78 48.55 13.38
C PHE C 205 16.71 49.06 14.47
N PRO C 206 16.35 48.82 15.75
CA PRO C 206 17.28 49.11 16.85
C PRO C 206 18.51 48.21 16.81
N HIS C 207 19.38 48.34 17.80
CA HIS C 207 20.65 47.62 17.79
C HIS C 207 20.42 46.11 17.68
N MET C 208 19.56 45.55 18.52
CA MET C 208 19.28 44.12 18.48
C MET C 208 17.80 43.82 18.70
N GLU C 209 16.92 44.71 18.28
CA GLU C 209 15.48 44.55 18.48
C GLU C 209 14.79 44.38 17.14
N ASN C 210 13.85 43.42 17.08
CA ASN C 210 13.11 43.12 15.86
C ASN C 210 11.90 44.04 15.79
N HIS C 211 12.17 45.32 15.56
CA HIS C 211 11.12 46.32 15.37
C HIS C 211 11.65 47.38 14.41
N SER C 212 10.74 48.10 13.78
CA SER C 212 11.08 49.09 12.76
C SER C 212 10.98 50.49 13.37
N CYS C 213 12.12 51.08 13.66
CA CYS C 213 12.15 52.48 14.10
C CYS C 213 12.33 53.45 12.95
N PHE C 214 12.51 52.96 11.72
CA PHE C 214 12.43 53.81 10.54
C PHE C 214 12.14 52.95 9.32
N GLU C 215 11.41 53.52 8.36
CA GLU C 215 11.13 52.84 7.11
C GLU C 215 11.09 53.89 6.01
N HIS C 216 11.69 53.58 4.87
CA HIS C 216 11.75 54.52 3.76
C HIS C 216 11.78 53.76 2.45
N MET C 217 11.31 54.42 1.39
CA MET C 217 11.11 53.83 0.08
C MET C 217 11.78 54.68 -0.99
N HIS C 218 12.39 54.02 -1.97
CA HIS C 218 12.98 54.68 -3.12
C HIS C 218 12.60 53.91 -4.38
N HIS C 219 12.40 54.65 -5.46
CA HIS C 219 11.89 54.09 -6.71
C HIS C 219 12.89 54.38 -7.83
N ILE C 220 13.65 53.36 -8.22
CA ILE C 220 14.54 53.49 -9.37
C ILE C 220 13.70 53.28 -10.62
N PRO C 221 13.59 54.25 -11.52
CA PRO C 221 12.78 54.07 -12.72
C PRO C 221 13.41 53.06 -13.66
N ALA C 222 12.61 52.62 -14.63
CA ALA C 222 13.09 51.62 -15.58
C ALA C 222 14.27 52.17 -16.35
N PRO C 223 15.42 51.51 -16.33
CA PRO C 223 16.59 52.05 -17.01
C PRO C 223 16.49 51.90 -18.53
N ARG C 224 17.15 52.80 -19.23
CA ARG C 224 17.21 52.72 -20.68
C ARG C 224 18.15 51.59 -21.09
N PRO C 225 18.04 51.12 -22.34
CA PRO C 225 18.94 50.05 -22.79
C PRO C 225 20.40 50.40 -22.67
N GLU C 226 20.76 51.68 -22.75
CA GLU C 226 22.15 52.08 -22.55
C GLU C 226 22.61 51.89 -21.11
N GLU C 227 21.68 51.79 -20.17
CA GLU C 227 22.01 51.59 -18.75
C GLU C 227 21.73 50.17 -18.29
N PHE C 228 21.69 49.21 -19.21
CA PHE C 228 21.21 47.87 -18.91
C PHE C 228 22.08 47.15 -17.88
N HIS C 229 23.32 46.83 -18.23
CA HIS C 229 24.21 46.15 -17.29
C HIS C 229 25.16 47.12 -16.61
N GLN C 230 24.61 48.11 -15.92
CA GLN C 230 25.41 49.17 -15.32
C GLN C 230 25.17 49.22 -13.82
N ARG C 231 26.04 49.96 -13.14
CA ARG C 231 25.96 50.16 -11.70
C ARG C 231 25.22 51.46 -11.41
N SER C 232 24.14 51.37 -10.63
CA SER C 232 23.38 52.53 -10.21
C SER C 232 23.50 52.70 -8.71
N ASN C 233 23.70 53.94 -8.28
CA ASN C 233 23.84 54.27 -6.87
C ASN C 233 22.77 55.25 -6.46
N VAL C 234 22.17 55.00 -5.30
CA VAL C 234 21.13 55.85 -4.74
C VAL C 234 21.55 56.25 -3.33
N THR C 235 21.50 57.55 -3.04
CA THR C 235 21.83 58.06 -1.72
C THR C 235 20.55 58.36 -0.94
N LEU C 236 20.51 57.91 0.30
CA LEU C 236 19.34 58.07 1.16
C LEU C 236 19.75 58.73 2.46
N THR C 237 18.91 59.63 2.95
CA THR C 237 19.14 60.31 4.21
C THR C 237 18.44 59.54 5.32
N LEU C 238 19.15 59.32 6.42
CA LEU C 238 18.67 58.49 7.52
C LEU C 238 18.30 59.35 8.72
N ARG C 239 17.48 58.77 9.61
CA ARG C 239 17.06 59.47 10.81
C ARG C 239 18.23 59.59 11.79
N ASN C 240 18.13 60.59 12.67
CA ASN C 240 19.16 60.89 13.66
C ASN C 240 18.63 60.47 15.03
N LEU C 241 18.87 59.21 15.39
CA LEU C 241 18.48 58.67 16.69
C LEU C 241 19.61 57.79 17.21
N LYS C 242 19.40 57.25 18.41
CA LYS C 242 20.37 56.38 19.05
C LYS C 242 19.75 55.00 19.28
N GLY C 243 20.56 53.97 19.14
CA GLY C 243 20.11 52.59 19.24
C GLY C 243 19.55 52.04 17.94
N CYS C 244 18.82 52.88 17.20
CA CYS C 244 18.27 52.50 15.90
C CYS C 244 19.39 52.56 14.87
N CYS C 245 20.14 51.46 14.76
CA CYS C 245 21.31 51.43 13.90
C CYS C 245 21.40 50.22 12.98
N ARG C 246 20.38 49.38 12.88
CA ARG C 246 20.41 48.25 11.96
C ARG C 246 19.72 48.65 10.66
N HIS C 247 20.51 48.86 9.61
CA HIS C 247 19.99 49.36 8.34
C HIS C 247 19.89 48.20 7.35
N GLN C 248 18.68 47.81 7.02
CA GLN C 248 18.44 46.79 6.00
C GLN C 248 17.98 47.47 4.72
N VAL C 249 18.77 47.32 3.66
CA VAL C 249 18.42 47.84 2.34
C VAL C 249 18.06 46.63 1.48
N GLN C 250 16.80 46.56 1.06
CA GLN C 250 16.30 45.43 0.30
C GLN C 250 15.84 45.93 -1.06
N ILE C 251 16.34 45.30 -2.12
CA ILE C 251 16.10 45.70 -3.48
C ILE C 251 15.17 44.68 -4.12
N GLN C 252 14.03 45.15 -4.60
CA GLN C 252 12.99 44.35 -5.20
C GLN C 252 12.90 44.66 -6.69
N PRO C 253 13.13 43.69 -7.56
CA PRO C 253 12.89 43.91 -8.98
C PRO C 253 11.42 43.70 -9.32
N PHE C 254 11.03 44.22 -10.49
CA PHE C 254 9.67 44.09 -10.99
C PHE C 254 9.69 43.53 -12.40
N PHE C 255 10.43 42.44 -12.59
CA PHE C 255 10.51 41.79 -13.88
C PHE C 255 9.13 41.34 -14.35
N SER C 256 8.99 41.15 -15.65
CA SER C 256 7.68 40.81 -16.21
C SER C 256 7.24 39.41 -15.79
N SER C 257 8.19 38.50 -15.55
CA SER C 257 7.82 37.15 -15.15
C SER C 257 7.11 37.12 -13.80
N CYS C 258 7.57 37.93 -12.85
CA CYS C 258 6.91 38.09 -11.56
C CYS C 258 6.57 39.56 -11.37
N LEU C 259 5.29 39.90 -11.45
CA LEU C 259 4.89 41.31 -11.40
C LEU C 259 5.40 41.98 -10.14
N ASN C 260 4.94 41.53 -8.98
CA ASN C 260 5.43 42.05 -7.70
C ASN C 260 6.07 41.00 -6.82
N ASP C 261 5.79 39.72 -7.04
CA ASP C 261 6.29 38.64 -6.20
C ASP C 261 7.52 38.04 -6.86
N CYS C 262 8.61 38.81 -6.86
CA CYS C 262 9.88 38.39 -7.39
C CYS C 262 10.80 37.96 -6.25
N LEU C 263 12.06 37.71 -6.58
CA LEU C 263 13.08 37.40 -5.59
C LEU C 263 13.84 38.66 -5.26
N ARG C 264 13.83 39.05 -3.98
CA ARG C 264 14.50 40.26 -3.54
C ARG C 264 15.93 39.96 -3.12
N HIS C 265 16.73 41.01 -3.04
CA HIS C 265 18.12 40.88 -2.60
C HIS C 265 18.39 41.94 -1.54
N SER C 266 18.91 41.51 -0.39
CA SER C 266 19.03 42.39 0.76
C SER C 266 20.48 42.51 1.24
N ALA C 267 20.76 43.65 1.86
CA ALA C 267 22.04 43.91 2.51
C ALA C 267 21.76 44.56 3.85
N THR C 268 22.67 44.33 4.80
CA THR C 268 22.49 44.81 6.17
C THR C 268 23.75 45.51 6.65
N VAL C 269 23.56 46.65 7.33
CA VAL C 269 24.62 47.40 7.97
C VAL C 269 24.32 47.41 9.47
N SER C 270 25.30 46.99 10.27
CA SER C 270 25.15 46.89 11.72
C SER C 270 25.71 48.13 12.39
N CYS C 271 25.58 48.17 13.72
CA CYS C 271 26.01 49.36 14.46
C CYS C 271 27.53 49.45 14.57
N PRO C 272 28.24 48.43 15.09
CA PRO C 272 29.69 48.63 15.20
C PRO C 272 30.43 48.23 13.93
N PRO D 10 5.90 -49.62 -18.15
CA PRO D 10 6.95 -48.61 -18.18
C PRO D 10 6.61 -47.46 -19.13
N ASN D 11 7.00 -46.25 -18.77
CA ASN D 11 6.73 -45.05 -19.55
C ASN D 11 8.01 -44.27 -19.78
N SER D 12 8.21 -43.80 -21.01
CA SER D 12 9.40 -43.03 -21.33
C SER D 12 9.12 -41.80 -22.19
N GLU D 13 7.87 -41.56 -22.59
CA GLU D 13 7.55 -40.42 -23.44
C GLU D 13 6.20 -39.84 -22.99
N ASP D 14 5.98 -38.59 -23.36
CA ASP D 14 4.73 -37.92 -23.02
C ASP D 14 3.57 -38.53 -23.81
N LYS D 15 2.36 -38.25 -23.33
CA LYS D 15 1.16 -38.89 -23.84
C LYS D 15 -0.01 -37.98 -23.47
N ASN D 16 -1.22 -38.38 -23.85
CA ASN D 16 -2.40 -37.57 -23.56
C ASN D 16 -2.58 -37.33 -22.06
N PHE D 17 -1.98 -38.17 -21.22
CA PHE D 17 -1.91 -37.91 -19.78
C PHE D 17 -1.21 -36.58 -19.56
N PRO D 18 -1.94 -35.53 -19.14
CA PRO D 18 -1.31 -34.21 -19.02
C PRO D 18 -0.47 -34.03 -17.78
N ARG D 19 -0.66 -34.85 -16.76
CA ARG D 19 0.03 -34.68 -15.48
C ARG D 19 1.16 -35.68 -15.27
N THR D 20 1.51 -36.47 -16.28
CA THR D 20 2.71 -37.30 -16.26
C THR D 20 3.73 -36.65 -17.19
N VAL D 21 4.75 -36.03 -16.62
CA VAL D 21 5.64 -35.15 -17.36
C VAL D 21 7.05 -35.70 -17.35
N MET D 22 7.89 -35.13 -18.22
CA MET D 22 9.31 -35.46 -18.27
C MET D 22 10.06 -34.59 -17.28
N VAL D 23 10.86 -35.22 -16.42
CA VAL D 23 11.57 -34.51 -15.36
C VAL D 23 13.05 -34.90 -15.43
N ASN D 24 13.92 -33.90 -15.45
CA ASN D 24 15.36 -34.13 -15.39
C ASN D 24 15.77 -34.32 -13.94
N LEU D 25 16.35 -35.49 -13.64
CA LEU D 25 16.78 -35.81 -12.28
C LEU D 25 18.13 -35.15 -11.97
N ASN D 26 18.11 -33.81 -11.96
CA ASN D 26 19.32 -33.03 -11.70
C ASN D 26 19.61 -33.00 -10.20
N ILE D 27 19.90 -34.18 -9.67
CA ILE D 27 20.18 -34.34 -8.25
C ILE D 27 21.67 -34.08 -7.98
N SER D 40 25.29 -33.11 12.54
CA SER D 40 25.14 -34.54 12.74
C SER D 40 25.07 -34.88 14.22
N ASP D 41 25.62 -34.00 15.05
CA ASP D 41 25.59 -34.16 16.50
C ASP D 41 24.43 -33.41 17.15
N TYR D 42 23.52 -32.86 16.35
CA TYR D 42 22.39 -32.14 16.92
C TYR D 42 21.51 -33.04 17.77
N TYR D 43 21.30 -34.28 17.33
CA TYR D 43 20.43 -35.19 18.06
C TYR D 43 21.01 -35.60 19.41
N ASN D 44 22.31 -35.41 19.62
CA ASN D 44 22.95 -35.86 20.84
C ASN D 44 23.30 -34.74 21.80
N ARG D 45 23.53 -33.53 21.32
CA ARG D 45 23.86 -32.39 22.16
C ARG D 45 22.66 -31.50 22.46
N SER D 46 21.48 -31.88 21.99
CA SER D 46 20.29 -31.06 22.18
C SER D 46 19.74 -31.19 23.59
N THR D 47 19.14 -30.10 24.08
CA THR D 47 18.39 -30.15 25.33
C THR D 47 17.13 -30.99 25.19
N SER D 48 16.70 -31.27 23.96
CA SER D 48 15.55 -32.12 23.69
C SER D 48 16.00 -33.21 22.72
N PRO D 49 16.83 -34.13 23.17
CA PRO D 49 17.48 -35.07 22.25
C PRO D 49 16.47 -36.00 21.59
N TRP D 50 16.80 -36.44 20.38
CA TRP D 50 15.94 -37.36 19.65
C TRP D 50 16.79 -38.45 19.02
N ASN D 51 16.22 -39.64 18.95
CA ASN D 51 16.80 -40.76 18.23
C ASN D 51 16.37 -40.72 16.77
N LEU D 52 17.20 -41.31 15.92
CA LEU D 52 16.97 -41.33 14.48
C LEU D 52 16.55 -42.74 14.08
N HIS D 53 15.38 -42.84 13.46
CA HIS D 53 14.84 -44.11 13.01
C HIS D 53 15.00 -44.22 11.51
N ARG D 54 15.52 -45.35 11.05
CA ARG D 54 15.78 -45.59 9.64
C ARG D 54 14.50 -46.12 8.99
N ASN D 55 14.02 -45.41 7.98
CA ASN D 55 12.85 -45.80 7.22
C ASN D 55 13.32 -46.09 5.80
N GLU D 56 13.32 -47.37 5.43
CA GLU D 56 13.89 -47.83 4.17
C GLU D 56 12.79 -48.39 3.30
N ASP D 57 12.52 -47.73 2.19
CA ASP D 57 11.60 -48.24 1.17
C ASP D 57 12.34 -48.30 -0.15
N PRO D 58 12.67 -49.49 -0.66
CA PRO D 58 13.40 -49.56 -1.94
C PRO D 58 12.61 -49.03 -3.13
N GLU D 59 11.30 -48.86 -2.99
CA GLU D 59 10.46 -48.35 -4.06
C GLU D 59 10.23 -46.85 -3.97
N ARG D 60 10.92 -46.16 -3.06
CA ARG D 60 10.73 -44.74 -2.83
C ARG D 60 12.07 -44.02 -2.90
N TYR D 61 12.06 -42.85 -3.53
CA TYR D 61 13.22 -41.95 -3.54
C TYR D 61 12.89 -40.71 -2.73
N PRO D 62 13.63 -40.39 -1.65
CA PRO D 62 14.83 -41.04 -1.10
C PRO D 62 14.57 -42.46 -0.58
N SER D 63 15.58 -43.33 -0.66
CA SER D 63 15.42 -44.70 -0.20
C SER D 63 15.42 -44.81 1.31
N VAL D 64 16.09 -43.88 2.00
CA VAL D 64 16.21 -43.92 3.45
C VAL D 64 15.85 -42.54 4.00
N ILE D 65 14.94 -42.52 4.97
CA ILE D 65 14.57 -41.30 5.67
C ILE D 65 14.87 -41.51 7.16
N TRP D 66 15.37 -40.48 7.81
CA TRP D 66 15.69 -40.53 9.23
C TRP D 66 14.62 -39.79 10.02
N GLU D 67 13.64 -40.53 10.53
CA GLU D 67 12.64 -39.94 11.40
C GLU D 67 13.22 -39.60 12.76
N ALA D 68 12.69 -38.55 13.37
CA ALA D 68 13.13 -38.09 14.68
C ALA D 68 12.10 -38.49 15.73
N LYS D 69 12.52 -39.26 16.72
CA LYS D 69 11.67 -39.63 17.84
C LYS D 69 12.28 -39.04 19.11
N CYS D 70 11.51 -38.20 19.80
CA CYS D 70 12.03 -37.55 21.00
C CYS D 70 12.45 -38.60 22.03
N ARG D 71 13.65 -38.42 22.58
CA ARG D 71 14.19 -39.42 23.49
C ARG D 71 13.49 -39.38 24.85
N HIS D 72 13.26 -38.19 25.39
CA HIS D 72 12.68 -38.01 26.71
C HIS D 72 11.37 -37.25 26.61
N LEU D 73 10.45 -37.57 27.52
CA LEU D 73 9.21 -36.80 27.61
C LEU D 73 9.50 -35.35 27.98
N GLY D 74 10.43 -35.12 28.90
CA GLY D 74 10.90 -33.80 29.21
C GLY D 74 12.21 -33.47 28.51
N CYS D 75 12.79 -32.35 28.91
CA CYS D 75 14.08 -31.93 28.39
C CYS D 75 15.18 -32.20 29.42
N ILE D 76 16.41 -32.32 28.92
CA ILE D 76 17.55 -32.54 29.80
C ILE D 76 18.04 -31.20 30.31
N ASN D 77 18.49 -31.18 31.56
CA ASN D 77 19.02 -29.97 32.18
C ASN D 77 20.54 -29.98 32.07
N ALA D 78 21.19 -29.05 32.77
CA ALA D 78 22.64 -29.00 32.78
C ALA D 78 23.24 -30.26 33.40
N ASP D 79 22.60 -30.77 34.46
CA ASP D 79 23.08 -31.98 35.11
C ASP D 79 22.85 -33.23 34.27
N GLY D 80 22.05 -33.15 33.21
CA GLY D 80 21.76 -34.29 32.38
C GLY D 80 20.48 -35.02 32.72
N ASN D 81 19.88 -34.73 33.87
CA ASN D 81 18.63 -35.36 34.24
C ASN D 81 17.47 -34.73 33.47
N VAL D 82 16.32 -35.40 33.51
CA VAL D 82 15.15 -34.95 32.77
C VAL D 82 14.44 -33.85 33.56
N ASP D 83 14.21 -32.72 32.90
CA ASP D 83 13.46 -31.61 33.48
C ASP D 83 11.99 -31.83 33.17
N TYR D 84 11.19 -32.07 34.21
CA TYR D 84 9.78 -32.33 34.03
C TYR D 84 8.96 -31.05 33.86
N HIS D 85 9.58 -29.89 34.01
CA HIS D 85 8.88 -28.62 33.85
C HIS D 85 8.77 -28.18 32.40
N MET D 86 9.40 -28.88 31.47
CA MET D 86 9.41 -28.49 30.07
C MET D 86 9.08 -29.69 29.19
N ASN D 87 8.56 -29.42 27.99
CA ASN D 87 8.07 -30.46 27.10
C ASN D 87 9.02 -30.63 25.92
N SER D 88 9.39 -31.87 25.64
CA SER D 88 10.17 -32.21 24.45
C SER D 88 9.20 -32.62 23.36
N VAL D 89 8.98 -31.72 22.39
CA VAL D 89 7.94 -31.92 21.39
C VAL D 89 8.58 -32.02 20.01
N PRO D 90 8.14 -32.96 19.17
CA PRO D 90 8.74 -33.08 17.84
C PRO D 90 8.33 -31.97 16.90
N ILE D 91 9.26 -31.61 16.02
CA ILE D 91 9.01 -30.75 14.87
C ILE D 91 8.99 -31.64 13.64
N GLN D 92 7.84 -31.71 12.99
CA GLN D 92 7.64 -32.49 11.78
C GLN D 92 7.32 -31.56 10.62
N GLN D 93 7.39 -32.13 9.42
CA GLN D 93 7.20 -31.34 8.20
C GLN D 93 6.69 -32.26 7.10
N GLU D 94 5.83 -31.71 6.24
CA GLU D 94 5.37 -32.43 5.07
C GLU D 94 6.35 -32.25 3.93
N ILE D 95 6.73 -33.36 3.30
CA ILE D 95 7.74 -33.36 2.25
C ILE D 95 7.22 -34.13 1.04
N LEU D 96 7.87 -33.90 -0.10
CA LEU D 96 7.53 -34.56 -1.36
C LEU D 96 8.57 -35.63 -1.66
N VAL D 97 8.10 -36.85 -1.94
CA VAL D 97 8.97 -37.95 -2.31
C VAL D 97 8.40 -38.64 -3.54
N LEU D 98 9.18 -39.53 -4.12
CA LEU D 98 8.80 -40.25 -5.32
C LEU D 98 8.61 -41.74 -5.03
N ARG D 99 7.65 -42.34 -5.72
CA ARG D 99 7.39 -43.77 -5.62
C ARG D 99 7.25 -44.33 -7.03
N ARG D 100 7.88 -45.48 -7.27
CA ARG D 100 7.79 -46.12 -8.58
C ARG D 100 6.35 -46.55 -8.85
N GLU D 101 5.86 -46.20 -10.04
CA GLU D 101 4.50 -46.53 -10.44
C GLU D 101 4.45 -46.74 -11.95
N PRO D 102 4.29 -47.97 -12.43
CA PRO D 102 4.08 -49.23 -11.69
C PRO D 102 5.33 -49.67 -10.93
N PRO D 103 5.18 -50.55 -9.94
CA PRO D 103 6.32 -50.92 -9.09
C PRO D 103 7.42 -51.59 -9.90
N HIS D 104 8.65 -51.41 -9.42
CA HIS D 104 9.89 -51.97 -9.96
C HIS D 104 10.29 -51.35 -11.29
N CYS D 105 9.66 -50.25 -11.71
CA CYS D 105 10.05 -49.57 -12.93
C CYS D 105 11.00 -48.42 -12.59
N PRO D 106 12.26 -48.47 -13.02
CA PRO D 106 13.22 -47.42 -12.66
C PRO D 106 13.05 -46.11 -13.42
N ASN D 107 11.96 -45.91 -14.13
CA ASN D 107 11.78 -44.68 -14.88
C ASN D 107 10.47 -43.96 -14.57
N SER D 108 9.39 -44.69 -14.32
CA SER D 108 8.10 -44.09 -14.06
C SER D 108 7.90 -43.92 -12.56
N PHE D 109 7.55 -42.71 -12.14
CA PHE D 109 7.41 -42.37 -10.73
C PHE D 109 6.06 -41.71 -10.48
N ARG D 110 5.85 -41.30 -9.23
CA ARG D 110 4.62 -40.66 -8.80
C ARG D 110 4.95 -39.80 -7.58
N LEU D 111 4.68 -38.51 -7.68
CA LEU D 111 4.92 -37.62 -6.56
C LEU D 111 4.01 -37.99 -5.39
N GLU D 112 4.56 -37.92 -4.18
CA GLU D 112 3.83 -38.36 -3.00
C GLU D 112 4.14 -37.44 -1.83
N LYS D 113 3.13 -37.22 -0.99
CA LYS D 113 3.25 -36.39 0.21
C LYS D 113 3.25 -37.28 1.44
N ILE D 114 4.30 -37.19 2.24
CA ILE D 114 4.37 -37.91 3.51
C ILE D 114 4.76 -36.94 4.61
N LEU D 115 4.11 -37.08 5.76
CA LEU D 115 4.44 -36.28 6.94
C LEU D 115 5.50 -37.01 7.74
N VAL D 116 6.65 -36.36 7.93
CA VAL D 116 7.78 -36.96 8.61
C VAL D 116 8.27 -36.02 9.69
N SER D 117 8.89 -36.58 10.72
CA SER D 117 9.40 -35.81 11.85
C SER D 117 10.87 -35.52 11.66
N VAL D 118 11.24 -34.24 11.74
CA VAL D 118 12.59 -33.80 11.47
C VAL D 118 13.40 -33.67 12.76
N GLY D 119 12.82 -33.10 13.81
CA GLY D 119 13.59 -32.90 15.02
C GLY D 119 12.76 -32.87 16.29
N CYS D 120 13.38 -32.46 17.40
CA CYS D 120 12.68 -32.27 18.67
C CYS D 120 13.13 -30.95 19.29
N THR D 121 12.19 -30.19 19.81
CA THR D 121 12.47 -28.91 20.46
C THR D 121 11.91 -28.91 21.88
N CYS D 122 12.31 -27.92 22.65
CA CYS D 122 11.95 -27.80 24.06
C CYS D 122 11.03 -26.59 24.23
N VAL D 123 9.86 -26.81 24.81
CA VAL D 123 8.85 -25.77 24.93
C VAL D 123 8.42 -25.65 26.40
N THR D 124 8.18 -24.40 26.82
CA THR D 124 7.59 -24.16 28.13
C THR D 124 6.09 -24.41 28.06
N PRO D 125 5.52 -25.13 29.02
CA PRO D 125 4.10 -25.47 28.95
C PRO D 125 3.22 -24.29 29.33
N ILE D 126 1.95 -24.41 28.97
CA ILE D 126 0.93 -23.44 29.36
C ILE D 126 0.41 -23.83 30.74
N VAL D 127 0.62 -22.96 31.72
CA VAL D 127 0.23 -23.20 33.10
C VAL D 127 -0.89 -22.23 33.46
N HIS D 128 -2.00 -22.78 33.97
CA HIS D 128 -3.16 -21.99 34.37
C HIS D 128 -3.21 -21.97 35.89
N HIS D 129 -2.94 -20.80 36.48
CA HIS D 129 -2.92 -20.66 37.93
C HIS D 129 -4.32 -20.37 38.45
N VAL D 130 -4.55 -20.78 39.70
CA VAL D 130 -5.83 -20.58 40.36
C VAL D 130 -5.76 -19.40 41.31
N PRO E 18 18.20 -42.43 -12.76
CA PRO E 18 18.42 -42.18 -14.19
C PRO E 18 18.47 -40.69 -14.51
N ARG E 19 18.98 -40.34 -15.69
CA ARG E 19 19.06 -38.94 -16.08
C ARG E 19 17.69 -38.32 -16.21
N THR E 20 16.76 -39.01 -16.85
CA THR E 20 15.41 -38.52 -17.06
C THR E 20 14.42 -39.59 -16.63
N VAL E 21 13.49 -39.22 -15.75
CA VAL E 21 12.46 -40.12 -15.26
C VAL E 21 11.11 -39.45 -15.39
N MET E 22 10.07 -40.27 -15.43
CA MET E 22 8.70 -39.80 -15.56
C MET E 22 8.07 -39.65 -14.17
N VAL E 23 7.43 -38.52 -13.93
CA VAL E 23 6.80 -38.22 -12.65
C VAL E 23 5.32 -38.00 -12.90
N ASN E 24 4.47 -38.77 -12.22
CA ASN E 24 3.03 -38.57 -12.26
C ASN E 24 2.68 -37.53 -11.20
N LEU E 25 2.18 -36.39 -11.63
CA LEU E 25 2.01 -35.24 -10.75
C LEU E 25 0.70 -35.26 -9.97
N ASN E 26 -0.01 -36.38 -9.97
CA ASN E 26 -1.16 -36.56 -9.08
C ASN E 26 -0.60 -36.92 -7.71
N ILE E 27 -0.23 -35.89 -6.95
CA ILE E 27 0.46 -36.10 -5.68
C ILE E 27 -0.43 -36.89 -4.73
N HIS E 28 0.00 -38.10 -4.40
CA HIS E 28 -0.76 -38.97 -3.51
C HIS E 28 -0.63 -38.44 -2.08
N ASN E 29 -1.74 -38.04 -1.49
CA ASN E 29 -1.75 -37.47 -0.14
C ASN E 29 -1.71 -38.61 0.87
N ARG E 30 -0.49 -39.10 1.13
CA ARG E 30 -0.30 -40.18 2.08
C ARG E 30 -0.28 -39.69 3.52
N ASN E 31 -0.32 -38.37 3.74
CA ASN E 31 -0.50 -37.80 5.07
C ASN E 31 -1.99 -37.79 5.40
N THR E 32 -2.53 -39.00 5.56
CA THR E 32 -3.98 -39.16 5.71
C THR E 32 -4.45 -38.81 7.11
N ASN E 33 -3.65 -39.10 8.13
CA ASN E 33 -4.08 -38.95 9.52
C ASN E 33 -3.93 -37.49 9.99
N THR E 34 -4.54 -36.58 9.23
CA THR E 34 -4.60 -35.19 9.59
C THR E 34 -5.81 -34.85 10.45
N ASN E 35 -6.74 -35.78 10.63
CA ASN E 35 -7.88 -35.54 11.50
C ASN E 35 -7.51 -35.24 12.95
N PRO E 36 -6.60 -35.98 13.60
CA PRO E 36 -6.24 -35.64 14.98
C PRO E 36 -5.62 -34.25 15.08
N LYS E 37 -5.92 -33.56 16.18
CA LYS E 37 -5.33 -32.26 16.51
C LYS E 37 -4.26 -32.52 17.56
N ARG E 38 -3.00 -32.53 17.12
CA ARG E 38 -1.90 -32.98 17.97
C ARG E 38 -0.80 -31.95 18.18
N SER E 39 -0.77 -30.87 17.41
CA SER E 39 0.37 -29.96 17.42
C SER E 39 -0.08 -28.53 17.67
N SER E 40 0.90 -27.64 17.80
CA SER E 40 0.67 -26.22 17.96
C SER E 40 1.90 -25.48 17.45
N ASP E 41 1.89 -24.16 17.62
CA ASP E 41 3.01 -23.34 17.18
C ASP E 41 4.03 -23.18 18.29
N TYR E 42 5.29 -23.53 18.01
CA TYR E 42 6.36 -23.53 18.98
C TYR E 42 7.38 -22.42 18.71
N TYR E 43 7.04 -21.43 17.91
CA TYR E 43 7.95 -20.34 17.61
C TYR E 43 7.97 -19.28 18.70
N ASN E 44 7.18 -19.44 19.75
CA ASN E 44 7.15 -18.52 20.87
C ASN E 44 7.46 -19.15 22.21
N ARG E 45 7.01 -20.38 22.45
CA ARG E 45 7.22 -21.05 23.73
C ARG E 45 8.53 -21.83 23.79
N SER E 46 9.29 -21.86 22.71
CA SER E 46 10.50 -22.68 22.67
C SER E 46 11.65 -22.00 23.40
N THR E 47 12.54 -22.83 23.95
CA THR E 47 13.80 -22.33 24.48
C THR E 47 14.65 -21.69 23.41
N SER E 48 14.45 -22.08 22.15
CA SER E 48 15.15 -21.52 21.00
C SER E 48 14.10 -21.04 20.00
N PRO E 49 13.42 -19.93 20.30
CA PRO E 49 12.38 -19.44 19.40
C PRO E 49 12.96 -18.96 18.08
N TRP E 50 12.09 -18.91 17.07
CA TRP E 50 12.50 -18.49 15.74
C TRP E 50 11.38 -17.70 15.10
N ASN E 51 11.75 -16.93 14.07
CA ASN E 51 10.81 -16.22 13.23
C ASN E 51 10.51 -17.05 11.99
N LEU E 52 9.34 -16.82 11.41
CA LEU E 52 8.89 -17.52 10.22
C LEU E 52 9.14 -16.65 9.00
N HIS E 53 9.91 -17.16 8.06
CA HIS E 53 10.23 -16.46 6.82
C HIS E 53 9.64 -17.24 5.66
N ARG E 54 8.83 -16.58 4.84
CA ARG E 54 8.24 -17.23 3.69
C ARG E 54 9.16 -17.14 2.48
N ASN E 55 9.30 -18.25 1.77
CA ASN E 55 10.12 -18.36 0.58
C ASN E 55 9.19 -18.69 -0.57
N GLU E 56 9.02 -17.73 -1.49
CA GLU E 56 8.07 -17.83 -2.59
C GLU E 56 8.82 -17.88 -3.91
N ASP E 57 8.47 -18.84 -4.75
CA ASP E 57 9.04 -18.97 -6.08
C ASP E 57 7.94 -19.39 -7.06
N PRO E 58 7.47 -18.47 -7.89
CA PRO E 58 6.41 -18.84 -8.85
C PRO E 58 6.77 -20.01 -9.75
N GLU E 59 8.05 -20.21 -10.03
CA GLU E 59 8.50 -21.25 -10.95
C GLU E 59 8.75 -22.59 -10.26
N ARG E 60 8.43 -22.71 -8.98
CA ARG E 60 8.77 -23.87 -8.18
C ARG E 60 7.52 -24.41 -7.48
N TYR E 61 7.42 -25.73 -7.37
CA TYR E 61 6.43 -26.34 -6.51
C TYR E 61 7.11 -27.18 -5.45
N PRO E 62 6.79 -26.98 -4.17
CA PRO E 62 5.80 -26.03 -3.62
C PRO E 62 6.27 -24.59 -3.74
N SER E 63 5.37 -23.67 -4.07
CA SER E 63 5.78 -22.29 -4.32
C SER E 63 6.16 -21.58 -3.03
N VAL E 64 5.39 -21.77 -1.97
CA VAL E 64 5.61 -21.09 -0.70
C VAL E 64 6.06 -22.11 0.32
N ILE E 65 7.27 -21.92 0.84
CA ILE E 65 7.81 -22.74 1.92
C ILE E 65 8.14 -21.83 3.08
N TRP E 66 7.61 -22.15 4.26
CA TRP E 66 7.79 -21.34 5.45
C TRP E 66 8.95 -21.92 6.26
N GLU E 67 10.05 -21.19 6.32
CA GLU E 67 11.27 -21.64 6.98
C GLU E 67 11.44 -20.91 8.31
N ALA E 68 12.37 -21.43 9.11
CA ALA E 68 12.65 -20.93 10.44
C ALA E 68 13.97 -20.18 10.45
N LYS E 69 13.98 -19.01 11.09
CA LYS E 69 15.20 -18.24 11.30
C LYS E 69 15.34 -18.03 12.81
N CYS E 70 16.38 -18.62 13.40
CA CYS E 70 16.52 -18.60 14.85
C CYS E 70 16.56 -17.16 15.36
N ARG E 71 15.75 -16.89 16.39
CA ARG E 71 15.56 -15.52 16.84
C ARG E 71 16.81 -14.95 17.52
N HIS E 72 17.48 -15.77 18.35
CA HIS E 72 18.67 -15.30 19.05
C HIS E 72 19.89 -16.13 18.68
N LEU E 73 21.02 -15.86 19.32
CA LEU E 73 22.18 -16.73 19.25
C LEU E 73 22.36 -17.57 20.51
N GLY E 74 21.66 -17.24 21.58
CA GLY E 74 21.65 -18.07 22.76
C GLY E 74 20.21 -18.35 23.17
N CYS E 75 20.05 -19.42 23.95
CA CYS E 75 18.72 -19.88 24.33
C CYS E 75 18.15 -19.01 25.44
N ILE E 76 17.02 -19.44 26.00
CA ILE E 76 16.34 -18.74 27.07
C ILE E 76 16.33 -19.62 28.30
N ASN E 77 16.84 -19.10 29.42
CA ASN E 77 16.85 -19.85 30.67
C ASN E 77 15.47 -19.76 31.33
N ALA E 78 15.36 -20.36 32.53
CA ALA E 78 14.10 -20.32 33.25
C ALA E 78 13.74 -18.90 33.68
N ASP E 79 14.75 -18.05 33.88
CA ASP E 79 14.50 -16.67 34.30
C ASP E 79 13.95 -15.82 33.17
N GLY E 80 14.10 -16.25 31.93
CA GLY E 80 13.65 -15.50 30.78
C GLY E 80 14.71 -14.64 30.12
N ASN E 81 15.89 -14.54 30.72
CA ASN E 81 16.99 -13.78 30.14
C ASN E 81 17.87 -14.68 29.29
N VAL E 82 18.38 -14.13 28.20
CA VAL E 82 19.13 -14.91 27.21
C VAL E 82 20.43 -15.37 27.84
N ASP E 83 20.63 -16.69 27.87
CA ASP E 83 21.87 -17.30 28.34
C ASP E 83 22.68 -17.75 27.12
N TYR E 84 23.96 -17.43 27.11
CA TYR E 84 24.81 -17.66 25.94
C TYR E 84 25.70 -18.89 26.09
N HIS E 85 25.45 -19.73 27.10
CA HIS E 85 26.16 -20.99 27.22
C HIS E 85 25.59 -22.08 26.34
N MET E 86 24.39 -21.88 25.78
CA MET E 86 23.75 -22.85 24.91
C MET E 86 23.45 -22.19 23.56
N ASN E 87 23.50 -22.99 22.51
CA ASN E 87 23.45 -22.50 21.15
C ASN E 87 22.12 -22.85 20.49
N SER E 88 21.51 -21.88 19.82
CA SER E 88 20.31 -22.10 19.02
C SER E 88 20.75 -22.46 17.61
N VAL E 89 20.52 -23.70 17.20
CA VAL E 89 20.95 -24.22 15.91
C VAL E 89 19.72 -24.58 15.10
N PRO E 90 19.60 -24.16 13.85
CA PRO E 90 18.48 -24.59 13.02
C PRO E 90 18.55 -26.07 12.70
N ILE E 91 17.38 -26.67 12.55
CA ILE E 91 17.23 -28.05 12.12
C ILE E 91 16.99 -27.98 10.61
N GLN E 92 18.01 -28.34 9.83
CA GLN E 92 17.95 -28.21 8.39
C GLN E 92 17.47 -29.51 7.76
N GLN E 93 16.74 -29.39 6.66
CA GLN E 93 16.20 -30.54 5.94
C GLN E 93 16.46 -30.37 4.46
N GLU E 94 16.77 -31.48 3.79
CA GLU E 94 16.91 -31.51 2.34
C GLU E 94 15.62 -32.04 1.75
N ILE E 95 14.96 -31.22 0.94
CA ILE E 95 13.64 -31.54 0.42
C ILE E 95 13.65 -31.41 -1.10
N LEU E 96 13.02 -32.38 -1.75
CA LEU E 96 12.87 -32.35 -3.20
C LEU E 96 11.93 -31.22 -3.62
N VAL E 97 12.29 -30.55 -4.71
CA VAL E 97 11.50 -29.47 -5.27
C VAL E 97 11.37 -29.68 -6.78
N LEU E 98 10.20 -29.38 -7.31
CA LEU E 98 9.95 -29.41 -8.75
C LEU E 98 10.04 -27.99 -9.28
N ARG E 99 10.94 -27.76 -10.24
CA ARG E 99 11.21 -26.43 -10.76
C ARG E 99 10.86 -26.38 -12.25
N ARG E 100 10.20 -25.30 -12.66
CA ARG E 100 9.88 -25.10 -14.07
C ARG E 100 11.11 -24.61 -14.82
N GLU E 101 11.41 -25.25 -15.93
CA GLU E 101 12.65 -24.94 -16.62
C GLU E 101 12.42 -23.90 -17.72
N PRO E 102 13.45 -23.15 -18.08
CA PRO E 102 13.31 -22.19 -19.18
C PRO E 102 13.03 -22.92 -20.48
N PRO E 103 12.35 -22.26 -21.43
CA PRO E 103 11.91 -22.96 -22.65
C PRO E 103 13.05 -23.50 -23.50
N HIS E 104 14.27 -22.99 -23.37
CA HIS E 104 15.37 -23.51 -24.17
C HIS E 104 15.85 -24.87 -23.69
N CYS E 105 15.53 -25.25 -22.45
CA CYS E 105 15.94 -26.55 -21.94
C CYS E 105 15.15 -27.66 -22.63
N PRO E 106 15.77 -28.82 -22.84
CA PRO E 106 15.05 -29.92 -23.48
C PRO E 106 13.98 -30.54 -22.60
N ASN E 107 14.23 -30.63 -21.29
CA ASN E 107 13.24 -31.12 -20.34
C ASN E 107 12.59 -29.94 -19.64
N SER E 108 11.26 -29.89 -19.65
CA SER E 108 10.55 -28.74 -19.12
C SER E 108 10.64 -28.63 -17.60
N PHE E 109 10.99 -29.71 -16.91
CA PHE E 109 10.99 -29.73 -15.46
C PHE E 109 12.27 -30.35 -14.92
N ARG E 110 12.65 -29.93 -13.72
CA ARG E 110 13.86 -30.38 -13.07
C ARG E 110 13.56 -30.67 -11.61
N LEU E 111 14.04 -31.81 -11.12
CA LEU E 111 13.92 -32.18 -9.71
C LEU E 111 15.22 -31.84 -9.00
N GLU E 112 15.14 -30.98 -7.99
CA GLU E 112 16.30 -30.50 -7.26
C GLU E 112 16.14 -30.80 -5.78
N LYS E 113 17.25 -30.70 -5.06
CA LYS E 113 17.25 -30.75 -3.60
C LYS E 113 17.72 -29.41 -3.06
N ILE E 114 16.98 -28.89 -2.08
CA ILE E 114 17.29 -27.62 -1.45
C ILE E 114 17.25 -27.79 0.06
N LEU E 115 17.91 -26.88 0.75
CA LEU E 115 18.01 -26.90 2.21
C LEU E 115 17.04 -25.89 2.80
N VAL E 116 16.22 -26.34 3.75
CA VAL E 116 15.26 -25.49 4.44
C VAL E 116 15.44 -25.66 5.94
N SER E 117 15.30 -24.57 6.67
CA SER E 117 15.38 -24.60 8.13
C SER E 117 13.97 -24.76 8.68
N VAL E 118 13.71 -25.88 9.33
CA VAL E 118 12.36 -26.19 9.81
C VAL E 118 12.10 -25.55 11.17
N GLY E 119 13.03 -25.72 12.11
CA GLY E 119 12.91 -25.13 13.42
C GLY E 119 14.27 -24.83 14.01
N CYS E 120 14.32 -24.52 15.30
CA CYS E 120 15.58 -24.29 15.99
C CYS E 120 15.58 -25.08 17.29
N THR E 121 16.76 -25.62 17.64
CA THR E 121 16.91 -26.42 18.84
C THR E 121 18.08 -25.91 19.67
N CYS E 122 18.00 -26.16 20.97
CA CYS E 122 19.02 -25.71 21.92
C CYS E 122 20.02 -26.83 22.15
N VAL E 123 21.31 -26.52 21.93
CA VAL E 123 22.36 -27.53 21.99
C VAL E 123 23.50 -27.04 22.89
N THR E 124 24.25 -28.00 23.40
CA THR E 124 25.45 -27.71 24.18
C THR E 124 26.65 -27.56 23.25
N PRO E 125 27.40 -26.46 23.35
CA PRO E 125 28.54 -26.27 22.45
C PRO E 125 29.64 -27.29 22.70
N ILE E 126 30.41 -27.56 21.65
CA ILE E 126 31.53 -28.49 21.73
C ILE E 126 32.65 -27.89 22.57
N LEU F 1 -4.76 -30.61 8.60
CA LEU F 1 -5.75 -29.92 7.77
C LEU F 1 -6.75 -30.90 7.20
N ARG F 2 -8.03 -30.53 7.23
CA ARG F 2 -9.07 -31.38 6.68
C ARG F 2 -10.28 -30.54 6.31
N LEU F 3 -11.10 -31.10 5.42
CA LEU F 3 -12.39 -30.51 5.08
C LEU F 3 -13.45 -30.99 6.07
N LEU F 4 -14.53 -30.22 6.16
CA LEU F 4 -15.56 -30.52 7.16
C LEU F 4 -16.22 -31.87 6.90
N ASP F 5 -16.59 -32.14 5.66
CA ASP F 5 -17.27 -33.39 5.31
C ASP F 5 -17.03 -33.69 3.84
N HIS F 6 -17.33 -34.94 3.47
CA HIS F 6 -17.31 -35.36 2.09
C HIS F 6 -18.61 -35.02 1.36
N ARG F 7 -19.45 -34.17 1.95
CA ARG F 7 -20.74 -33.84 1.38
C ARG F 7 -20.57 -32.97 0.13
N ALA F 8 -21.67 -32.79 -0.58
CA ALA F 8 -21.67 -31.94 -1.76
C ALA F 8 -21.45 -30.49 -1.35
N LEU F 9 -20.41 -29.87 -1.88
CA LEU F 9 -20.05 -28.50 -1.53
C LEU F 9 -20.74 -27.56 -2.52
N VAL F 10 -21.75 -26.85 -2.04
CA VAL F 10 -22.52 -25.95 -2.88
C VAL F 10 -21.69 -24.72 -3.20
N CYS F 11 -21.55 -24.42 -4.49
CA CYS F 11 -20.67 -23.36 -4.97
C CYS F 11 -21.25 -22.58 -6.14
N SER F 12 -22.48 -22.85 -6.56
CA SER F 12 -23.13 -22.12 -7.64
C SER F 12 -24.08 -21.09 -7.06
N GLN F 13 -23.96 -19.85 -7.54
CA GLN F 13 -24.81 -18.74 -7.18
C GLN F 13 -25.64 -18.35 -8.39
N PRO F 14 -26.79 -17.66 -8.19
CA PRO F 14 -27.70 -17.42 -9.32
C PRO F 14 -27.07 -16.54 -10.37
N GLY F 15 -26.83 -17.12 -11.55
CA GLY F 15 -26.10 -16.47 -12.61
C GLY F 15 -24.77 -17.12 -12.93
N LEU F 16 -24.30 -18.05 -12.09
CA LEU F 16 -23.02 -18.71 -12.29
C LEU F 16 -23.20 -20.21 -12.08
N ASN F 17 -22.46 -20.99 -12.87
CA ASN F 17 -22.42 -22.45 -12.71
C ASN F 17 -20.99 -22.82 -12.33
N CYS F 18 -20.78 -23.16 -11.06
CA CYS F 18 -19.48 -23.47 -10.50
C CYS F 18 -19.45 -24.93 -10.05
N THR F 19 -18.24 -25.44 -9.84
CA THR F 19 -18.04 -26.81 -9.38
C THR F 19 -16.86 -26.83 -8.41
N VAL F 20 -17.01 -27.58 -7.32
CA VAL F 20 -15.95 -27.74 -6.32
C VAL F 20 -15.28 -29.08 -6.55
N LYS F 21 -13.95 -29.07 -6.60
CA LYS F 21 -13.17 -30.27 -6.88
C LYS F 21 -12.02 -30.40 -5.89
N ASN F 22 -11.64 -31.65 -5.64
CA ASN F 22 -10.40 -31.94 -4.95
C ASN F 22 -9.22 -31.39 -5.75
N SER F 23 -8.20 -30.93 -5.04
CA SER F 23 -7.07 -30.29 -5.70
C SER F 23 -5.77 -30.72 -5.04
N THR F 24 -5.05 -31.63 -5.68
CA THR F 24 -3.61 -31.72 -5.45
C THR F 24 -3.01 -30.38 -5.85
N CYS F 25 -2.39 -29.70 -4.90
CA CYS F 25 -2.15 -28.26 -4.98
C CYS F 25 -1.43 -27.81 -6.25
N LEU F 26 -0.84 -28.75 -6.98
CA LEU F 26 -0.34 -28.48 -8.33
C LEU F 26 -1.48 -28.10 -9.26
N ASP F 27 -1.17 -27.58 -10.45
CA ASP F 27 -2.22 -27.19 -11.38
C ASP F 27 -1.76 -27.46 -12.81
N ASP F 28 -2.74 -27.75 -13.67
CA ASP F 28 -2.45 -27.92 -15.09
C ASP F 28 -1.95 -26.61 -15.70
N SER F 29 -2.50 -25.49 -15.26
CA SER F 29 -2.04 -24.20 -15.75
C SER F 29 -0.58 -23.96 -15.36
N TRP F 30 -0.19 -24.37 -14.15
CA TRP F 30 1.22 -24.28 -13.76
C TRP F 30 2.09 -25.20 -14.62
N ILE F 31 1.61 -26.41 -14.91
CA ILE F 31 2.34 -27.31 -15.79
C ILE F 31 2.33 -26.78 -17.22
N HIS F 32 1.16 -26.36 -17.70
CA HIS F 32 1.00 -25.83 -19.05
C HIS F 32 0.52 -24.39 -18.98
N PRO F 33 1.42 -23.41 -19.01
CA PRO F 33 1.00 -22.01 -18.91
C PRO F 33 0.15 -21.59 -20.11
N ARG F 34 -0.74 -20.63 -19.86
CA ARG F 34 -1.62 -20.08 -20.88
C ARG F 34 -1.28 -18.61 -21.12
N ASN F 35 -1.38 -18.19 -22.38
CA ASN F 35 -0.98 -16.84 -22.76
C ASN F 35 -1.86 -15.80 -22.07
N LEU F 36 -3.17 -15.96 -22.16
CA LEU F 36 -4.10 -14.99 -21.62
C LEU F 36 -4.62 -15.47 -20.28
N THR F 37 -4.36 -14.68 -19.22
CA THR F 37 -4.70 -15.06 -17.86
C THR F 37 -5.56 -13.98 -17.20
N PRO F 38 -6.39 -14.36 -16.23
CA PRO F 38 -7.14 -13.36 -15.47
C PRO F 38 -6.26 -12.61 -14.47
N SER F 39 -6.86 -11.74 -13.69
CA SER F 39 -6.13 -10.90 -12.76
C SER F 39 -6.30 -11.41 -11.33
N SER F 40 -5.69 -10.68 -10.39
CA SER F 40 -5.74 -11.08 -8.99
C SER F 40 -7.15 -10.88 -8.42
N PRO F 41 -7.54 -11.69 -7.43
CA PRO F 41 -8.81 -11.45 -6.75
C PRO F 41 -8.79 -10.17 -5.94
N LYS F 42 -9.94 -9.80 -5.36
CA LYS F 42 -10.04 -8.57 -4.60
C LYS F 42 -10.76 -8.82 -3.29
N ASP F 43 -10.39 -8.04 -2.27
CA ASP F 43 -11.08 -8.03 -0.97
C ASP F 43 -11.12 -9.41 -0.34
N LEU F 44 -9.96 -10.05 -0.26
CA LEU F 44 -9.86 -11.32 0.45
C LEU F 44 -10.08 -11.10 1.94
N GLN F 45 -10.88 -11.96 2.55
CA GLN F 45 -11.24 -11.81 3.96
C GLN F 45 -11.46 -13.19 4.54
N ILE F 46 -10.69 -13.52 5.58
CA ILE F 46 -10.82 -14.79 6.28
C ILE F 46 -11.24 -14.50 7.71
N GLN F 47 -12.38 -15.05 8.10
CA GLN F 47 -12.91 -14.92 9.45
C GLN F 47 -13.00 -16.30 10.09
N LEU F 48 -13.31 -16.31 11.37
CA LEU F 48 -13.45 -17.55 12.14
C LEU F 48 -14.93 -17.81 12.36
N HIS F 49 -15.39 -18.98 11.93
CA HIS F 49 -16.75 -19.42 12.16
C HIS F 49 -16.72 -20.78 12.85
N PHE F 50 -17.90 -21.26 13.24
CA PHE F 50 -18.01 -22.55 13.92
C PHE F 50 -19.14 -23.33 13.29
N ALA F 51 -18.85 -24.57 12.91
CA ALA F 51 -19.78 -25.40 12.15
C ALA F 51 -20.08 -26.68 12.91
N HIS F 52 -21.37 -27.05 12.96
CA HIS F 52 -21.80 -28.31 13.53
C HIS F 52 -22.02 -29.32 12.42
N THR F 53 -21.37 -30.47 12.52
CA THR F 53 -21.61 -31.55 11.58
C THR F 53 -22.87 -32.31 12.00
N GLN F 54 -23.31 -33.23 11.14
CA GLN F 54 -24.50 -34.01 11.42
C GLN F 54 -24.33 -34.95 12.61
N GLN F 55 -23.10 -35.23 13.02
CA GLN F 55 -22.84 -36.09 14.17
C GLN F 55 -22.83 -35.34 15.49
N GLY F 56 -23.06 -34.03 15.47
CA GLY F 56 -23.12 -33.26 16.70
C GLY F 56 -21.81 -32.69 17.18
N ASP F 57 -20.78 -32.67 16.34
CA ASP F 57 -19.47 -32.15 16.72
C ASP F 57 -19.29 -30.75 16.13
N LEU F 58 -18.82 -29.83 16.96
CA LEU F 58 -18.63 -28.44 16.57
C LEU F 58 -17.16 -28.18 16.31
N PHE F 59 -16.85 -27.63 15.14
CA PHE F 59 -15.48 -27.41 14.71
C PHE F 59 -15.27 -25.96 14.30
N PRO F 60 -14.09 -25.41 14.59
CA PRO F 60 -13.72 -24.12 14.00
C PRO F 60 -13.51 -24.25 12.50
N VAL F 61 -13.84 -23.19 11.77
CA VAL F 61 -13.80 -23.18 10.32
C VAL F 61 -13.30 -21.82 9.85
N ALA F 62 -12.43 -21.84 8.84
CA ALA F 62 -11.94 -20.61 8.23
C ALA F 62 -12.91 -20.19 7.13
N HIS F 63 -13.71 -19.17 7.41
CA HIS F 63 -14.69 -18.66 6.44
C HIS F 63 -13.99 -17.67 5.53
N ILE F 64 -13.87 -18.03 4.24
CA ILE F 64 -13.16 -17.21 3.26
C ILE F 64 -14.18 -16.55 2.36
N GLU F 65 -14.03 -15.24 2.16
CA GLU F 65 -14.88 -14.49 1.24
C GLU F 65 -14.00 -13.56 0.43
N TRP F 66 -14.19 -13.54 -0.90
CA TRP F 66 -13.42 -12.66 -1.75
C TRP F 66 -14.30 -12.21 -2.92
N THR F 67 -13.75 -11.34 -3.76
CA THR F 67 -14.50 -10.75 -4.86
C THR F 67 -13.56 -10.50 -6.03
N LEU F 68 -14.16 -10.27 -7.20
CA LEU F 68 -13.43 -10.04 -8.44
C LEU F 68 -13.28 -8.54 -8.69
N GLN F 69 -12.50 -8.24 -9.73
CA GLN F 69 -12.32 -6.87 -10.22
C GLN F 69 -13.12 -6.66 -11.49
N THR F 70 -13.42 -5.40 -11.80
CA THR F 70 -14.31 -5.07 -12.89
C THR F 70 -13.60 -5.01 -14.25
N ASP F 71 -12.28 -5.22 -14.29
CA ASP F 71 -11.59 -5.25 -15.57
C ASP F 71 -12.05 -6.45 -16.39
N ALA F 72 -11.87 -6.33 -17.72
CA ALA F 72 -12.40 -7.33 -18.64
C ALA F 72 -11.67 -8.66 -18.57
N SER F 73 -10.62 -8.77 -17.75
CA SER F 73 -9.91 -10.02 -17.59
C SER F 73 -10.82 -11.12 -17.05
N ILE F 74 -11.97 -10.76 -16.48
CA ILE F 74 -12.99 -11.72 -16.07
C ILE F 74 -13.37 -12.64 -17.21
N LEU F 75 -13.17 -12.22 -18.46
CA LEU F 75 -13.53 -13.06 -19.60
C LEU F 75 -12.62 -14.27 -19.77
N TYR F 76 -11.51 -14.32 -19.06
CA TYR F 76 -10.57 -15.44 -19.16
C TYR F 76 -10.39 -16.14 -17.82
N LEU F 77 -11.37 -16.03 -16.95
CA LEU F 77 -11.32 -16.61 -15.61
C LEU F 77 -11.97 -17.99 -15.65
N GLU F 78 -11.15 -19.03 -15.59
CA GLU F 78 -11.64 -20.40 -15.61
C GLU F 78 -11.74 -21.02 -14.23
N GLY F 79 -11.22 -20.38 -13.19
CA GLY F 79 -11.44 -20.89 -11.86
C GLY F 79 -10.55 -20.21 -10.84
N ALA F 80 -10.64 -20.72 -9.62
CA ALA F 80 -9.79 -20.30 -8.52
C ALA F 80 -9.34 -21.53 -7.76
N GLU F 81 -8.23 -21.39 -7.04
CA GLU F 81 -7.72 -22.44 -6.18
C GLU F 81 -7.55 -21.85 -4.80
N LEU F 82 -8.26 -22.42 -3.82
CA LEU F 82 -8.23 -21.96 -2.44
C LEU F 82 -7.32 -22.89 -1.65
N SER F 83 -6.27 -22.33 -1.06
CA SER F 83 -5.26 -23.14 -0.37
C SER F 83 -5.06 -22.63 1.05
N VAL F 84 -4.97 -23.58 1.98
CA VAL F 84 -4.65 -23.30 3.37
C VAL F 84 -3.33 -23.99 3.68
N LEU F 85 -2.36 -23.21 4.16
CA LEU F 85 -1.00 -23.68 4.43
C LEU F 85 -0.73 -23.53 5.91
N GLN F 86 -0.55 -24.66 6.60
CA GLN F 86 -0.14 -24.59 8.00
C GLN F 86 1.33 -24.20 8.06
N LEU F 87 1.63 -23.18 8.87
CA LEU F 87 2.95 -22.57 8.83
C LEU F 87 4.02 -23.45 9.49
N ASN F 88 3.72 -24.04 10.65
CA ASN F 88 4.74 -24.82 11.35
C ASN F 88 5.07 -26.09 10.59
N THR F 89 4.09 -26.95 10.39
CA THR F 89 4.22 -28.09 9.49
C THR F 89 3.66 -27.67 8.14
N ASN F 90 4.48 -27.74 7.10
CA ASN F 90 4.09 -27.15 5.82
C ASN F 90 3.02 -28.00 5.15
N GLU F 91 1.88 -28.14 5.81
CA GLU F 91 0.76 -28.88 5.27
C GLU F 91 -0.11 -27.97 4.41
N ARG F 92 -0.54 -28.49 3.26
CA ARG F 92 -1.37 -27.74 2.33
C ARG F 92 -2.68 -28.48 2.12
N LEU F 93 -3.78 -27.72 2.12
CA LEU F 93 -5.07 -28.24 1.74
C LEU F 93 -5.65 -27.31 0.67
N CYS F 94 -5.91 -27.85 -0.51
CA CYS F 94 -6.36 -27.08 -1.65
C CYS F 94 -7.71 -27.57 -2.14
N VAL F 95 -8.54 -26.63 -2.59
CA VAL F 95 -9.85 -26.93 -3.18
C VAL F 95 -9.99 -26.07 -4.44
N ARG F 96 -10.49 -26.67 -5.52
CA ARG F 96 -10.56 -26.00 -6.81
C ARG F 96 -11.99 -25.59 -7.12
N PHE F 97 -12.21 -24.29 -7.31
CA PHE F 97 -13.43 -23.76 -7.89
C PHE F 97 -13.24 -23.73 -9.40
N GLU F 98 -14.04 -24.51 -10.12
CA GLU F 98 -13.99 -24.56 -11.57
C GLU F 98 -15.27 -23.95 -12.12
N PHE F 99 -15.12 -22.97 -13.02
CA PHE F 99 -16.24 -22.19 -13.53
C PHE F 99 -16.70 -22.82 -14.85
N LEU F 100 -17.87 -23.48 -14.81
CA LEU F 100 -18.39 -24.13 -16.00
C LEU F 100 -18.84 -23.10 -17.03
N SER F 101 -19.57 -22.07 -16.59
CA SER F 101 -20.05 -21.03 -17.48
C SER F 101 -19.04 -19.89 -17.55
N LYS F 102 -19.06 -19.17 -18.66
CA LYS F 102 -18.15 -18.05 -18.86
C LYS F 102 -18.71 -16.81 -18.19
N LEU F 103 -17.89 -16.14 -17.39
CA LEU F 103 -18.28 -14.93 -16.68
C LEU F 103 -18.04 -13.74 -17.59
N ARG F 104 -19.12 -13.21 -18.17
CA ARG F 104 -19.02 -12.09 -19.10
C ARG F 104 -19.69 -10.81 -18.60
N HIS F 105 -20.65 -10.92 -17.68
CA HIS F 105 -21.41 -9.77 -17.21
C HIS F 105 -20.82 -9.25 -15.91
N HIS F 106 -20.58 -7.94 -15.87
CA HIS F 106 -20.18 -7.25 -14.64
C HIS F 106 -21.30 -6.38 -14.09
N HIS F 107 -22.55 -6.78 -14.33
CA HIS F 107 -23.69 -6.00 -13.83
C HIS F 107 -23.70 -5.95 -12.31
N ARG F 108 -23.40 -7.07 -11.65
CA ARG F 108 -23.36 -7.14 -10.20
C ARG F 108 -22.00 -7.67 -9.77
N ARG F 109 -21.47 -7.12 -8.68
CA ARG F 109 -20.17 -7.55 -8.18
C ARG F 109 -20.24 -9.00 -7.71
N TRP F 110 -19.21 -9.76 -8.05
CA TRP F 110 -19.15 -11.19 -7.75
C TRP F 110 -18.50 -11.41 -6.40
N ARG F 111 -19.14 -12.23 -5.56
CA ARG F 111 -18.62 -12.56 -4.24
C ARG F 111 -18.63 -14.06 -4.08
N PHE F 112 -17.48 -14.62 -3.64
CA PHE F 112 -17.31 -16.05 -3.46
C PHE F 112 -17.00 -16.34 -2.00
N THR F 113 -17.71 -17.31 -1.43
CA THR F 113 -17.56 -17.71 -0.04
C THR F 113 -17.32 -19.21 0.03
N PHE F 114 -16.41 -19.60 0.92
CA PHE F 114 -16.11 -21.00 1.20
C PHE F 114 -15.90 -21.15 2.70
N SER F 115 -16.66 -22.03 3.34
CA SER F 115 -16.66 -22.16 4.79
C SER F 115 -16.64 -23.63 5.21
N HIS F 116 -15.75 -24.41 4.62
CA HIS F 116 -15.65 -25.83 4.95
C HIS F 116 -14.24 -26.27 5.31
N PHE F 117 -13.33 -25.34 5.57
CA PHE F 117 -11.95 -25.69 5.95
C PHE F 117 -11.87 -25.78 7.47
N VAL F 118 -11.62 -26.99 7.98
CA VAL F 118 -11.48 -27.18 9.41
C VAL F 118 -10.12 -26.67 9.86
N VAL F 119 -10.09 -25.98 10.99
CA VAL F 119 -8.90 -25.29 11.48
C VAL F 119 -8.66 -25.72 12.91
N ASP F 120 -7.41 -25.99 13.25
CA ASP F 120 -7.09 -26.39 14.61
C ASP F 120 -6.87 -25.17 15.51
N PRO F 121 -7.21 -25.29 16.78
CA PRO F 121 -7.07 -24.14 17.69
C PRO F 121 -5.62 -23.77 17.93
N ASP F 122 -5.40 -22.49 18.24
CA ASP F 122 -4.09 -21.94 18.53
C ASP F 122 -3.12 -22.22 17.38
N GLN F 123 -3.51 -21.79 16.19
CA GLN F 123 -2.75 -22.14 15.01
C GLN F 123 -2.67 -20.95 14.07
N GLU F 124 -1.79 -21.04 13.08
CA GLU F 124 -1.56 -19.93 12.16
C GLU F 124 -1.41 -20.52 10.76
N TYR F 125 -2.27 -20.08 9.85
CA TYR F 125 -2.29 -20.57 8.48
C TYR F 125 -2.13 -19.41 7.51
N GLU F 126 -1.79 -19.77 6.27
CA GLU F 126 -1.82 -18.84 5.15
C GLU F 126 -2.92 -19.29 4.20
N VAL F 127 -3.87 -18.40 3.94
CA VAL F 127 -5.00 -18.68 3.07
C VAL F 127 -4.77 -17.89 1.78
N THR F 128 -4.70 -18.60 0.66
CA THR F 128 -4.44 -17.97 -0.63
C THR F 128 -5.51 -18.37 -1.64
N VAL F 129 -5.87 -17.42 -2.48
CA VAL F 129 -6.75 -17.63 -3.62
C VAL F 129 -5.96 -17.35 -4.88
N HIS F 130 -5.83 -18.35 -5.74
CA HIS F 130 -5.05 -18.24 -6.96
C HIS F 130 -5.99 -18.34 -8.15
N HIS F 131 -6.01 -17.31 -8.99
CA HIS F 131 -6.94 -17.29 -10.12
C HIS F 131 -6.37 -18.11 -11.26
N LEU F 132 -6.99 -19.25 -11.53
CA LEU F 132 -6.63 -20.15 -12.61
C LEU F 132 -7.33 -19.70 -13.89
N PRO F 133 -6.62 -19.67 -15.03
CA PRO F 133 -5.24 -20.14 -15.25
C PRO F 133 -4.16 -19.33 -14.54
N LYS F 134 -3.14 -20.01 -14.05
CA LYS F 134 -2.02 -19.36 -13.39
C LYS F 134 -1.15 -18.64 -14.43
N PRO F 135 -0.41 -17.62 -14.01
CA PRO F 135 0.32 -16.79 -14.97
C PRO F 135 1.44 -17.54 -15.66
N ILE F 136 1.83 -17.01 -16.81
CA ILE F 136 2.98 -17.51 -17.57
C ILE F 136 4.25 -17.21 -16.79
N PRO F 137 5.36 -17.89 -17.06
CA PRO F 137 6.60 -17.58 -16.33
C PRO F 137 7.00 -16.13 -16.47
N ASP F 138 7.51 -15.57 -15.37
CA ASP F 138 7.88 -14.16 -15.28
C ASP F 138 6.68 -13.25 -15.59
N GLY F 139 5.53 -13.60 -15.01
CA GLY F 139 4.32 -12.84 -15.17
C GLY F 139 3.86 -12.23 -13.85
N ASP F 140 2.76 -11.49 -13.92
CA ASP F 140 2.21 -10.84 -12.75
C ASP F 140 1.64 -11.89 -11.79
N PRO F 141 1.61 -11.60 -10.48
CA PRO F 141 1.21 -12.64 -9.52
C PRO F 141 -0.18 -13.22 -9.74
N ASN F 142 -1.21 -12.37 -9.76
CA ASN F 142 -2.63 -12.72 -9.98
C ASN F 142 -3.23 -13.56 -8.85
N HIS F 143 -2.54 -13.70 -7.73
CA HIS F 143 -3.06 -14.42 -6.57
C HIS F 143 -3.05 -13.51 -5.35
N GLN F 144 -3.87 -13.86 -4.38
CA GLN F 144 -3.98 -13.10 -3.14
C GLN F 144 -3.73 -14.02 -1.95
N SER F 145 -3.03 -13.50 -0.95
CA SER F 145 -2.68 -14.28 0.23
C SER F 145 -2.99 -13.48 1.49
N LYS F 146 -3.31 -14.20 2.55
CA LYS F 146 -3.54 -13.59 3.85
C LYS F 146 -3.13 -14.56 4.94
N ASN F 147 -2.90 -14.03 6.14
CA ASN F 147 -2.49 -14.82 7.29
C ASN F 147 -3.65 -14.89 8.27
N PHE F 148 -3.98 -16.11 8.71
CA PHE F 148 -5.13 -16.36 9.56
C PHE F 148 -4.63 -16.97 10.86
N LEU F 149 -4.76 -16.22 11.96
CA LEU F 149 -4.36 -16.65 13.28
C LEU F 149 -5.61 -17.03 14.05
N VAL F 150 -5.64 -18.24 14.58
CA VAL F 150 -6.82 -18.80 15.23
C VAL F 150 -6.49 -19.02 16.71
N PRO F 151 -7.26 -18.43 17.63
CA PRO F 151 -6.88 -18.42 19.04
C PRO F 151 -6.98 -19.77 19.73
N ASP F 152 -6.66 -19.78 21.02
CA ASP F 152 -6.65 -20.99 21.81
C ASP F 152 -8.00 -21.18 22.50
N CYS F 153 -8.08 -22.21 23.35
CA CYS F 153 -9.32 -22.53 24.03
C CYS F 153 -9.66 -21.54 25.14
N GLU F 154 -8.74 -20.64 25.50
CA GLU F 154 -9.06 -19.58 26.44
C GLU F 154 -10.07 -18.60 25.86
N HIS F 155 -10.18 -18.53 24.54
CA HIS F 155 -11.22 -17.74 23.91
C HIS F 155 -12.59 -18.24 24.33
N ALA F 156 -13.52 -17.30 24.55
CA ALA F 156 -14.80 -17.64 25.17
C ALA F 156 -15.57 -18.66 24.34
N ARG F 157 -15.71 -18.41 23.04
CA ARG F 157 -16.49 -19.30 22.19
C ARG F 157 -15.74 -20.58 21.83
N MET F 158 -14.41 -20.52 21.73
CA MET F 158 -13.62 -21.67 21.31
C MET F 158 -13.48 -22.74 22.38
N LYS F 159 -13.82 -22.44 23.63
CA LYS F 159 -13.72 -23.43 24.69
C LYS F 159 -14.74 -24.56 24.55
N VAL F 160 -15.73 -24.43 23.67
CA VAL F 160 -16.78 -25.43 23.54
C VAL F 160 -16.63 -26.28 22.28
N THR F 161 -15.63 -26.00 21.44
CA THR F 161 -15.44 -26.77 20.22
C THR F 161 -14.97 -28.18 20.54
N THR F 162 -15.18 -29.10 19.60
CA THR F 162 -14.80 -30.48 19.82
C THR F 162 -13.31 -30.65 20.05
N PRO F 163 -12.41 -30.03 19.25
CA PRO F 163 -10.97 -30.12 19.50
C PRO F 163 -10.58 -29.66 20.92
N CYS F 164 -11.18 -28.57 21.40
CA CYS F 164 -10.82 -28.03 22.71
C CYS F 164 -11.35 -28.92 23.83
N MET F 165 -12.55 -29.46 23.67
CA MET F 165 -13.09 -30.37 24.67
C MET F 165 -12.31 -31.68 24.72
N SER F 166 -11.79 -32.14 23.57
CA SER F 166 -11.02 -33.37 23.55
C SER F 166 -9.74 -33.26 24.36
N SER F 167 -9.16 -32.07 24.41
CA SER F 167 -7.96 -31.81 25.20
C SER F 167 -8.28 -31.34 26.61
N GLY F 168 -9.56 -31.36 26.99
CA GLY F 168 -9.95 -30.93 28.33
C GLY F 168 -9.84 -29.44 28.58
N SER F 169 -10.30 -28.62 27.63
CA SER F 169 -10.36 -27.18 27.87
C SER F 169 -11.34 -26.82 28.97
N LEU F 170 -12.33 -27.67 29.24
CA LEU F 170 -13.31 -27.46 30.29
C LEU F 170 -12.91 -28.12 31.60
N TRP F 171 -11.70 -28.66 31.69
CA TRP F 171 -11.28 -29.38 32.88
C TRP F 171 -11.19 -28.43 34.07
N ASP F 172 -11.83 -28.81 35.17
CA ASP F 172 -11.74 -28.07 36.43
C ASP F 172 -11.10 -28.98 37.46
N PRO F 173 -9.79 -28.87 37.69
CA PRO F 173 -9.13 -29.82 38.61
C PRO F 173 -9.68 -29.77 40.02
N ASN F 174 -10.12 -28.61 40.49
CA ASN F 174 -10.62 -28.42 41.85
C ASN F 174 -9.57 -28.88 42.87
N ILE F 175 -8.41 -28.23 42.80
CA ILE F 175 -7.28 -28.61 43.63
C ILE F 175 -7.55 -28.21 45.08
N THR F 176 -7.06 -29.03 46.00
CA THR F 176 -7.03 -28.68 47.42
C THR F 176 -5.69 -29.15 47.97
N VAL F 177 -4.88 -28.20 48.44
CA VAL F 177 -3.57 -28.47 49.02
C VAL F 177 -3.65 -28.13 50.50
N GLU F 178 -3.49 -29.13 51.35
CA GLU F 178 -3.53 -28.95 52.80
C GLU F 178 -2.20 -29.38 53.40
N THR F 179 -1.67 -28.55 54.31
CA THR F 179 -0.36 -28.77 54.89
C THR F 179 -0.52 -29.59 56.17
N LEU F 180 -0.28 -30.89 56.07
CA LEU F 180 -0.31 -31.78 57.22
C LEU F 180 1.05 -31.80 57.91
N GLU F 181 1.03 -32.24 59.18
CA GLU F 181 2.23 -32.22 60.00
C GLU F 181 3.33 -33.09 59.41
N ALA F 182 4.52 -32.96 60.01
CA ALA F 182 5.73 -33.62 59.51
C ALA F 182 6.03 -33.21 58.06
N HIS F 183 5.83 -31.92 57.77
CA HIS F 183 6.10 -31.32 56.47
C HIS F 183 5.30 -31.98 55.35
N GLN F 184 4.19 -32.64 55.67
CA GLN F 184 3.46 -33.38 54.65
C GLN F 184 2.49 -32.47 53.92
N LEU F 185 2.21 -32.82 52.66
CA LEU F 185 1.24 -32.09 51.85
C LEU F 185 0.24 -33.08 51.27
N ARG F 186 -1.04 -32.83 51.50
CA ARG F 186 -2.11 -33.63 50.92
C ARG F 186 -2.76 -32.83 49.80
N VAL F 187 -2.71 -33.36 48.59
CA VAL F 187 -3.22 -32.69 47.40
C VAL F 187 -4.33 -33.55 46.81
N SER F 188 -5.51 -32.97 46.66
CA SER F 188 -6.65 -33.67 46.08
C SER F 188 -7.13 -32.93 44.84
N PHE F 189 -7.45 -33.70 43.80
CA PHE F 189 -7.89 -33.12 42.53
C PHE F 189 -8.85 -34.09 41.85
N THR F 190 -9.57 -33.57 40.87
CA THR F 190 -10.59 -34.31 40.14
C THR F 190 -9.99 -34.91 38.86
N LEU F 191 -10.69 -35.90 38.32
CA LEU F 191 -10.24 -36.61 37.13
C LEU F 191 -11.22 -36.41 35.98
N TRP F 192 -10.68 -36.21 34.79
CA TRP F 192 -11.43 -36.14 33.54
C TRP F 192 -11.59 -37.53 32.93
N ASN F 193 -12.60 -37.67 32.07
CA ASN F 193 -13.02 -38.97 31.56
C ASN F 193 -12.10 -39.41 30.42
N GLU F 194 -10.88 -39.79 30.81
CA GLU F 194 -9.90 -40.35 29.89
C GLU F 194 -8.95 -41.24 30.68
N SER F 195 -8.67 -42.43 30.14
CA SER F 195 -7.83 -43.42 30.82
C SER F 195 -6.37 -43.14 30.48
N THR F 196 -5.82 -42.12 31.12
CA THR F 196 -4.42 -41.74 30.94
C THR F 196 -3.83 -41.38 32.29
N HIS F 197 -2.51 -41.48 32.39
CA HIS F 197 -1.84 -41.22 33.64
C HIS F 197 -1.66 -39.71 33.86
N TYR F 198 -1.36 -39.34 35.09
CA TYR F 198 -1.21 -37.94 35.49
C TYR F 198 0.14 -37.75 36.17
N GLN F 199 0.64 -36.52 36.10
CA GLN F 199 1.91 -36.14 36.70
C GLN F 199 1.64 -35.14 37.80
N ILE F 200 2.09 -35.44 39.02
CA ILE F 200 2.13 -34.46 40.09
C ILE F 200 3.58 -34.04 40.25
N LEU F 201 3.82 -32.73 40.20
CA LEU F 201 5.15 -32.15 40.36
C LEU F 201 5.13 -31.25 41.58
N LEU F 202 6.00 -31.56 42.55
CA LEU F 202 6.14 -30.78 43.78
C LEU F 202 7.50 -30.11 43.77
N THR F 203 7.52 -28.79 43.93
CA THR F 203 8.75 -28.01 43.95
C THR F 203 8.77 -27.18 45.22
N SER F 204 9.89 -27.23 45.94
CA SER F 204 10.03 -26.51 47.21
C SER F 204 11.03 -25.38 47.01
N PHE F 205 10.52 -24.23 46.57
CA PHE F 205 11.36 -23.05 46.46
C PHE F 205 11.56 -22.41 47.83
N PRO F 206 12.64 -21.65 48.01
CA PRO F 206 12.76 -20.82 49.22
C PRO F 206 11.70 -19.73 49.24
N HIS F 207 11.65 -19.00 50.35
CA HIS F 207 10.65 -17.95 50.52
C HIS F 207 10.80 -16.87 49.45
N MET F 208 12.01 -16.38 49.25
CA MET F 208 12.31 -15.36 48.24
C MET F 208 13.59 -15.76 47.51
N GLU F 209 13.43 -16.55 46.46
CA GLU F 209 14.57 -16.99 45.65
C GLU F 209 14.04 -17.61 44.37
N ASN F 210 14.71 -17.30 43.26
CA ASN F 210 14.37 -17.89 41.95
C ASN F 210 15.12 -19.19 41.72
N HIS F 211 15.05 -20.10 42.68
CA HIS F 211 15.70 -21.40 42.60
C HIS F 211 14.88 -22.40 43.37
N SER F 212 15.29 -23.67 43.31
CA SER F 212 14.61 -24.74 44.01
C SER F 212 15.63 -25.60 44.74
N CYS F 213 15.23 -26.13 45.89
CA CYS F 213 16.07 -27.01 46.68
C CYS F 213 15.48 -28.41 46.84
N PHE F 214 14.29 -28.66 46.31
CA PHE F 214 13.69 -29.99 46.38
C PHE F 214 12.65 -30.12 45.27
N GLU F 215 12.72 -31.23 44.54
CA GLU F 215 11.77 -31.54 43.48
C GLU F 215 11.30 -32.97 43.65
N HIS F 216 10.04 -33.23 43.29
CA HIS F 216 9.46 -34.54 43.45
C HIS F 216 8.44 -34.78 42.36
N MET F 217 8.46 -35.99 41.80
CA MET F 217 7.50 -36.46 40.81
C MET F 217 6.70 -37.62 41.37
N HIS F 218 5.40 -37.61 41.11
CA HIS F 218 4.56 -38.77 41.43
C HIS F 218 3.62 -39.03 40.25
N HIS F 219 3.45 -40.31 39.94
CA HIS F 219 2.72 -40.74 38.75
C HIS F 219 1.39 -41.35 39.19
N ILE F 220 0.29 -40.71 38.80
CA ILE F 220 -1.05 -41.23 39.05
C ILE F 220 -1.39 -42.18 37.90
N PRO F 221 -1.63 -43.46 38.17
CA PRO F 221 -1.97 -44.40 37.09
C PRO F 221 -3.29 -44.02 36.43
N ALA F 222 -3.56 -44.70 35.32
CA ALA F 222 -4.79 -44.44 34.57
C ALA F 222 -6.00 -44.87 35.40
N PRO F 223 -6.96 -43.99 35.66
CA PRO F 223 -8.12 -44.40 36.46
C PRO F 223 -9.03 -45.35 35.69
N ARG F 224 -9.74 -46.18 36.45
CA ARG F 224 -10.66 -47.14 35.86
C ARG F 224 -11.87 -46.41 35.29
N PRO F 225 -12.55 -47.01 34.30
CA PRO F 225 -13.76 -46.37 33.77
C PRO F 225 -14.82 -46.08 34.83
N GLU F 226 -14.94 -46.93 35.85
CA GLU F 226 -15.87 -46.71 36.95
C GLU F 226 -15.39 -45.62 37.91
N GLU F 227 -14.33 -44.91 37.57
CA GLU F 227 -13.79 -43.82 38.39
C GLU F 227 -13.44 -42.63 37.50
N PHE F 228 -14.34 -42.31 36.56
CA PHE F 228 -14.03 -41.31 35.55
C PHE F 228 -13.88 -39.92 36.15
N HIS F 229 -14.84 -39.49 36.96
CA HIS F 229 -14.82 -38.15 37.52
C HIS F 229 -14.65 -38.14 39.04
N GLN F 230 -14.52 -39.29 39.68
CA GLN F 230 -14.38 -39.33 41.13
C GLN F 230 -13.05 -38.70 41.55
N ARG F 231 -13.10 -37.94 42.65
CA ARG F 231 -11.92 -37.24 43.12
C ARG F 231 -10.86 -38.22 43.61
N SER F 232 -9.60 -37.79 43.53
CA SER F 232 -8.48 -38.58 44.02
C SER F 232 -7.51 -37.69 44.79
N ASN F 233 -6.92 -38.23 45.84
CA ASN F 233 -6.00 -37.49 46.70
C ASN F 233 -4.68 -38.25 46.83
N VAL F 234 -3.61 -37.49 47.02
CA VAL F 234 -2.28 -38.04 47.23
C VAL F 234 -1.66 -37.32 48.43
N THR F 235 -1.11 -38.10 49.35
CA THR F 235 -0.50 -37.53 50.56
C THR F 235 0.98 -37.24 50.34
N CYS F 245 10.37 -22.79 51.35
CA CYS F 245 9.15 -23.13 52.06
C CYS F 245 7.93 -23.01 51.13
N ARG F 246 8.14 -22.40 49.97
CA ARG F 246 7.08 -22.27 48.97
C ARG F 246 6.90 -23.61 48.27
N HIS F 247 5.74 -24.24 48.45
CA HIS F 247 5.45 -25.54 47.88
C HIS F 247 4.52 -25.36 46.70
N GLN F 248 5.00 -25.68 45.50
CA GLN F 248 4.21 -25.56 44.28
C GLN F 248 3.94 -26.96 43.75
N VAL F 249 2.66 -27.33 43.66
CA VAL F 249 2.25 -28.64 43.19
C VAL F 249 1.40 -28.46 41.95
N GLN F 250 1.78 -29.11 40.86
CA GLN F 250 1.03 -28.98 39.61
C GLN F 250 0.68 -30.35 39.04
N ILE F 251 -0.53 -30.42 38.48
CA ILE F 251 -1.01 -31.58 37.74
C ILE F 251 -0.76 -31.33 36.25
N GLN F 252 -0.09 -32.28 35.61
CA GLN F 252 0.03 -32.33 34.17
C GLN F 252 -0.72 -33.55 33.66
N PRO F 253 -1.74 -33.37 32.82
CA PRO F 253 -2.43 -34.52 32.25
C PRO F 253 -1.69 -35.06 31.04
N PHE F 254 -2.11 -36.24 30.59
CA PHE F 254 -1.48 -36.94 29.48
C PHE F 254 -2.53 -37.40 28.49
N PHE F 255 -3.42 -36.49 28.11
CA PHE F 255 -4.51 -36.82 27.21
C PHE F 255 -3.96 -37.28 25.86
N SER F 256 -4.82 -37.96 25.10
CA SER F 256 -4.44 -38.43 23.77
C SER F 256 -4.37 -37.31 22.75
N SER F 257 -4.93 -36.14 23.04
CA SER F 257 -4.83 -35.01 22.12
C SER F 257 -3.49 -34.30 22.26
N CYS F 258 -3.15 -33.90 23.48
CA CYS F 258 -1.82 -33.40 23.80
C CYS F 258 -1.07 -34.49 24.55
N LEU F 259 -0.10 -35.12 23.87
CA LEU F 259 0.56 -36.28 24.45
C LEU F 259 1.35 -35.89 25.70
N ASN F 260 2.19 -34.87 25.59
CA ASN F 260 2.91 -34.34 26.74
C ASN F 260 2.96 -32.81 26.74
N ASP F 261 2.05 -32.17 26.01
CA ASP F 261 2.02 -30.71 25.88
C ASP F 261 0.63 -30.19 26.20
N CYS F 262 0.03 -30.70 27.27
CA CYS F 262 -1.31 -30.31 27.67
C CYS F 262 -1.26 -29.00 28.45
N LEU F 263 -2.45 -28.56 28.88
CA LEU F 263 -2.56 -27.38 29.74
C LEU F 263 -2.47 -27.85 31.18
N ARG F 264 -1.40 -27.48 31.87
CA ARG F 264 -1.20 -27.87 33.24
C ARG F 264 -2.06 -27.04 34.18
N HIS F 265 -2.23 -27.53 35.41
CA HIS F 265 -2.98 -26.82 36.44
C HIS F 265 -2.21 -26.88 37.74
N SER F 266 -1.79 -25.72 38.23
CA SER F 266 -0.87 -25.63 39.36
C SER F 266 -1.54 -25.01 40.57
N ALA F 267 -0.88 -25.17 41.72
CA ALA F 267 -1.31 -24.57 42.97
C ALA F 267 -0.07 -24.26 43.80
N THR F 268 -0.14 -23.18 44.57
CA THR F 268 0.99 -22.70 45.36
C THR F 268 0.59 -22.54 46.80
N VAL F 269 1.51 -22.90 47.71
CA VAL F 269 1.34 -22.72 49.14
C VAL F 269 2.56 -21.97 49.67
N SER F 270 2.31 -20.86 50.37
CA SER F 270 3.38 -20.03 50.88
C SER F 270 3.98 -20.63 52.15
N CYS F 271 4.91 -19.90 52.76
CA CYS F 271 5.56 -20.35 53.97
C CYS F 271 4.66 -20.14 55.19
#